data_3B7E
#
_entry.id   3B7E
#
_cell.length_a   118.044
_cell.length_b   129.247
_cell.length_c   118.845
_cell.angle_alpha   90.00
_cell.angle_beta   90.00
_cell.angle_gamma   90.00
#
_symmetry.space_group_name_H-M   'C 2 2 21'
#
loop_
_entity.id
_entity.type
_entity.pdbx_description
1 polymer Neuraminidase
2 branched alpha-L-fucopyranose-(1-3)-2-acetamido-2-deoxy-beta-D-glucopyranose
3 non-polymer 2-acetamido-2-deoxy-beta-D-glucopyranose
4 non-polymer 'CALCIUM ION'
5 non-polymer ZANAMIVIR
6 non-polymer GLYCEROL
7 water water
#
_entity_poly.entity_id   1
_entity_poly.type   'polypeptide(L)'
_entity_poly.pdbx_seq_one_letter_code
;VILTGNSSLCPISGWAIYSKDNGIRIGSKGDVFVIREPFISCSHLECRTFFLTQGALLNDKHSNGTVKDRSPYRTLMSCP
VGEAPSPYNSRFESVAWSASACHDGMGWLTIGISGPDNGAVAVLKYNGIITDTIKSWRNNILRTQESECACVNGSCFTIM
TDGPSNGQASYKILKIEKGKVTKSIELNAPNYHYEECSCYPDTGKVMCVCRDNWHGSNRPWVSFDQNLDYQIGYICSGVF
GDNPRPNDGTGSCGPVSSNGANGIKGFSFRYDNGVWIGRTKSTSSRSGFEMIWDPNGWTETDSSFSVRQDIVAITDWSGY
SGSFVQHPELTGLDCMRPCFWVELIRGQPKENTIWTSGSSISFCGVNSDTVGWSWPDGAELPFSI
;
_entity_poly.pdbx_strand_id   A,B
#
# COMPACT_ATOMS: atom_id res chain seq x y z
N VAL A 1 -15.63 7.84 -19.91
CA VAL A 1 -14.69 8.89 -20.40
C VAL A 1 -13.27 8.37 -20.41
N ILE A 2 -12.62 8.18 -21.56
CA ILE A 2 -11.15 8.20 -21.53
C ILE A 2 -10.70 9.58 -21.95
N LEU A 3 -9.72 10.10 -21.23
CA LEU A 3 -9.11 11.38 -21.54
C LEU A 3 -8.42 11.27 -22.92
N THR A 4 -8.72 12.18 -23.84
CA THR A 4 -8.17 12.06 -25.18
C THR A 4 -6.68 12.44 -25.19
N GLY A 5 -6.33 13.46 -24.41
CA GLY A 5 -4.96 13.96 -24.41
C GLY A 5 -4.48 14.57 -25.72
N ASN A 6 -5.44 14.99 -26.56
CA ASN A 6 -5.11 15.51 -27.87
C ASN A 6 -4.96 17.02 -27.95
N SER A 7 -5.27 17.75 -26.89
CA SER A 7 -5.18 19.20 -26.90
C SER A 7 -3.74 19.69 -26.63
N SER A 8 -3.48 20.94 -27.03
CA SER A 8 -2.22 21.61 -26.78
C SER A 8 -2.30 22.44 -25.51
N LEU A 9 -1.16 22.84 -24.96
CA LEU A 9 -1.13 23.64 -23.73
C LEU A 9 -1.83 24.98 -23.92
N CYS A 10 -2.60 25.37 -22.90
CA CYS A 10 -3.29 26.65 -22.94
C CYS A 10 -2.28 27.79 -23.01
N PRO A 11 -2.62 28.87 -23.72
CA PRO A 11 -1.79 30.05 -23.60
C PRO A 11 -1.89 30.63 -22.20
N ILE A 12 -0.77 31.07 -21.64
CA ILE A 12 -0.71 31.62 -20.28
C ILE A 12 0.22 32.81 -20.20
N SER A 13 0.03 33.62 -19.16
CA SER A 13 0.91 34.74 -18.87
C SER A 13 1.58 34.61 -17.49
N GLY A 14 1.04 33.74 -16.63
CA GLY A 14 1.61 33.62 -15.31
C GLY A 14 0.87 32.56 -14.53
N TRP A 15 1.13 32.53 -13.23
CA TRP A 15 0.73 31.43 -12.38
C TRP A 15 -0.10 31.94 -11.21
N ALA A 16 -1.31 31.41 -11.09
CA ALA A 16 -2.27 31.75 -10.03
C ALA A 16 -2.18 30.68 -8.94
N ILE A 17 -2.17 31.11 -7.66
CA ILE A 17 -2.08 30.12 -6.60
C ILE A 17 -3.34 29.27 -6.48
N TYR A 18 -3.16 27.95 -6.41
CA TYR A 18 -4.21 26.96 -6.41
C TYR A 18 -4.43 26.36 -5.02
N SER A 19 -3.35 25.97 -4.34
CA SER A 19 -3.47 25.35 -3.04
C SER A 19 -2.29 25.62 -2.15
N LYS A 20 -2.51 25.46 -0.84
CA LYS A 20 -1.46 25.46 0.18
C LYS A 20 -1.97 24.66 1.36
N ASP A 21 -1.28 23.57 1.72
CA ASP A 21 -1.80 22.66 2.73
C ASP A 21 -1.33 22.97 4.17
N ASN A 22 -0.29 23.77 4.36
CA ASN A 22 0.19 24.10 5.71
C ASN A 22 0.41 22.84 6.56
N GLY A 23 0.82 21.76 5.92
CA GLY A 23 0.81 20.46 6.62
C GLY A 23 1.68 20.38 7.84
N ILE A 24 2.86 20.99 7.77
CA ILE A 24 3.84 20.92 8.88
C ILE A 24 3.42 21.84 10.04
N ARG A 25 2.97 23.05 9.71
CA ARG A 25 2.39 23.93 10.75
C ARG A 25 1.25 23.24 11.50
N ILE A 26 0.35 22.64 10.73
CA ILE A 26 -0.77 21.93 11.34
C ILE A 26 -0.32 20.72 12.14
N GLY A 27 0.68 20.00 11.63
CA GLY A 27 1.21 18.78 12.26
C GLY A 27 1.99 18.98 13.55
N SER A 28 2.29 20.23 13.90
CA SER A 28 2.80 20.58 15.20
C SER A 28 1.82 20.13 16.30
N LYS A 29 0.53 20.20 15.99
CA LYS A 29 -0.52 19.89 16.95
C LYS A 29 -1.36 18.70 16.54
N GLY A 30 -1.82 18.73 15.29
CA GLY A 30 -2.69 17.70 14.73
C GLY A 30 -1.92 16.46 14.39
N ASP A 31 -2.63 15.43 13.94
CA ASP A 31 -2.04 14.14 13.63
C ASP A 31 -1.80 14.11 12.12
N VAL A 32 -0.58 14.43 11.73
CA VAL A 32 -0.20 14.61 10.34
C VAL A 32 0.99 13.70 10.03
N PHE A 33 0.90 12.96 8.91
CA PHE A 33 2.03 12.12 8.50
C PHE A 33 3.33 12.90 8.29
N VAL A 34 4.44 12.29 8.68
CA VAL A 34 5.74 12.66 8.14
C VAL A 34 5.73 12.14 6.71
N ILE A 35 6.03 13.03 5.76
CA ILE A 35 6.01 12.69 4.34
C ILE A 35 7.24 13.23 3.65
N ARG A 36 7.40 12.83 2.40
CA ARG A 36 8.16 13.63 1.43
C ARG A 36 7.68 13.16 0.04
N GLU A 37 8.22 13.78 -0.99
CA GLU A 37 7.85 13.45 -2.36
C GLU A 37 6.34 13.49 -2.60
N PRO A 38 5.71 14.65 -2.28
CA PRO A 38 4.31 14.81 -2.59
C PRO A 38 4.15 15.14 -4.08
N PHE A 39 2.97 14.90 -4.63
CA PHE A 39 2.64 15.35 -5.98
C PHE A 39 1.14 15.39 -6.18
N ILE A 40 0.67 16.21 -7.10
CA ILE A 40 -0.75 16.33 -7.40
C ILE A 40 -1.08 15.65 -8.72
N SER A 41 -2.24 15.00 -8.76
CA SER A 41 -2.74 14.44 -10.00
C SER A 41 -4.26 14.54 -10.01
N CYS A 42 -4.85 14.68 -11.20
CA CYS A 42 -6.29 14.90 -11.32
C CYS A 42 -6.97 13.84 -12.21
N SER A 43 -8.25 13.66 -11.98
CA SER A 43 -9.09 12.88 -12.87
C SER A 43 -9.93 13.87 -13.69
N HIS A 44 -10.97 13.35 -14.35
CA HIS A 44 -11.99 14.21 -14.96
C HIS A 44 -12.94 14.84 -13.94
N LEU A 45 -12.83 14.47 -12.68
CA LEU A 45 -13.74 14.90 -11.61
C LEU A 45 -13.10 15.63 -10.43
N GLU A 46 -11.83 15.34 -10.11
CA GLU A 46 -11.22 15.94 -8.91
C GLU A 46 -9.71 15.86 -8.94
N CYS A 47 -9.09 16.61 -8.03
CA CYS A 47 -7.63 16.60 -7.91
C CYS A 47 -7.24 16.06 -6.54
N ARG A 48 -6.16 15.28 -6.51
CA ARG A 48 -5.68 14.68 -5.28
C ARG A 48 -4.20 14.92 -5.09
N THR A 49 -3.78 15.00 -3.84
CA THR A 49 -2.37 15.02 -3.49
C THR A 49 -1.95 13.61 -3.09
N PHE A 50 -0.92 13.09 -3.76
CA PHE A 50 -0.27 11.83 -3.43
C PHE A 50 1.00 12.14 -2.66
N PHE A 51 1.46 11.21 -1.85
CA PHE A 51 2.67 11.46 -1.06
C PHE A 51 3.23 10.17 -0.49
N LEU A 52 4.52 10.17 -0.20
CA LEU A 52 5.15 9.01 0.43
C LEU A 52 5.27 9.28 1.93
N THR A 53 4.47 8.58 2.73
CA THR A 53 4.59 8.69 4.17
C THR A 53 5.88 8.03 4.59
N GLN A 54 6.28 8.30 5.82
CA GLN A 54 7.30 7.53 6.53
C GLN A 54 6.66 6.57 7.54
N GLY A 55 5.36 6.28 7.42
CA GLY A 55 4.72 5.37 8.35
C GLY A 55 4.74 5.87 9.77
N ALA A 56 4.65 7.19 9.94
CA ALA A 56 4.85 7.86 11.23
C ALA A 56 4.22 9.24 11.15
N LEU A 57 3.90 9.80 12.31
CA LEU A 57 3.38 11.16 12.41
C LEU A 57 4.42 12.14 12.93
N LEU A 58 4.20 13.41 12.63
CA LEU A 58 5.02 14.52 13.15
C LEU A 58 4.87 14.69 14.68
N ASN A 59 5.91 15.19 15.33
CA ASN A 59 5.91 15.45 16.75
C ASN A 59 5.73 14.16 17.55
N ASP A 60 6.48 13.15 17.11
CA ASP A 60 6.48 11.81 17.67
C ASP A 60 7.85 11.19 17.46
N LYS A 61 8.24 10.30 18.37
CA LYS A 61 9.56 9.68 18.26
C LYS A 61 9.77 8.84 17.01
N HIS A 62 8.70 8.34 16.38
CA HIS A 62 8.86 7.55 15.14
C HIS A 62 9.26 8.40 13.92
N SER A 63 9.21 9.73 14.08
CA SER A 63 9.76 10.64 13.05
C SER A 63 11.30 10.64 13.06
N ASN A 64 11.92 10.01 14.06
CA ASN A 64 13.38 9.96 14.09
C ASN A 64 13.95 9.28 12.86
N GLY A 65 14.95 9.91 12.24
CA GLY A 65 15.70 9.29 11.16
C GLY A 65 15.04 9.42 9.79
N THR A 66 13.97 10.21 9.70
CA THR A 66 13.18 10.29 8.47
C THR A 66 13.83 11.09 7.32
N VAL A 67 15.04 11.60 7.51
CA VAL A 67 15.83 12.02 6.36
C VAL A 67 16.09 10.82 5.41
N LYS A 68 16.09 9.60 5.95
CA LYS A 68 16.39 8.41 5.17
C LYS A 68 15.33 8.18 4.08
N ASP A 69 15.79 7.82 2.88
CA ASP A 69 14.93 7.75 1.72
C ASP A 69 14.03 6.53 1.63
N ARG A 70 14.51 5.36 2.04
CA ARG A 70 13.83 4.09 1.76
C ARG A 70 13.74 3.21 3.01
N SER A 71 12.56 2.63 3.23
CA SER A 71 12.30 1.76 4.35
C SER A 71 11.07 0.92 4.02
N PRO A 72 10.84 -0.17 4.79
CA PRO A 72 9.61 -0.96 4.63
C PRO A 72 8.33 -0.28 5.15
N TYR A 73 8.46 0.87 5.78
CA TYR A 73 7.32 1.53 6.40
C TYR A 73 6.71 2.57 5.48
N ARG A 74 7.44 3.00 4.46
CA ARG A 74 6.94 4.06 3.59
C ARG A 74 5.80 3.56 2.73
N THR A 75 4.76 4.39 2.66
CA THR A 75 3.57 4.06 1.91
C THR A 75 3.11 5.25 1.06
N LEU A 76 2.64 4.95 -0.14
CA LEU A 76 1.98 5.89 -1.02
C LEU A 76 0.54 6.02 -0.54
N MET A 77 0.15 7.24 -0.21
CA MET A 77 -1.24 7.55 0.21
C MET A 77 -1.68 8.82 -0.52
N SER A 78 -2.97 9.12 -0.42
CA SER A 78 -3.48 10.33 -1.06
C SER A 78 -4.55 10.98 -0.23
N CYS A 79 -4.69 12.29 -0.39
CA CYS A 79 -5.73 13.06 0.26
C CYS A 79 -6.20 14.19 -0.67
N PRO A 80 -7.32 14.84 -0.32
CA PRO A 80 -7.74 15.93 -1.19
C PRO A 80 -6.73 17.06 -1.26
N VAL A 81 -6.64 17.70 -2.41
CA VAL A 81 -5.71 18.83 -2.56
C VAL A 81 -5.95 19.94 -1.52
N GLY A 82 -4.87 20.39 -0.90
CA GLY A 82 -4.93 21.50 0.04
C GLY A 82 -5.19 21.10 1.49
N GLU A 83 -5.44 19.82 1.74
CA GLU A 83 -5.65 19.32 3.10
C GLU A 83 -4.35 18.74 3.67
N ALA A 84 -4.14 18.89 4.97
CA ALA A 84 -2.99 18.29 5.65
C ALA A 84 -3.15 16.77 5.60
N PRO A 85 -2.07 16.06 5.27
CA PRO A 85 -2.14 14.60 5.13
C PRO A 85 -2.18 13.89 6.47
N SER A 86 -3.36 13.40 6.84
CA SER A 86 -3.58 12.75 8.15
CA SER A 86 -3.59 12.78 8.13
C SER A 86 -4.08 11.33 7.96
N PRO A 87 -3.86 10.48 8.98
CA PRO A 87 -4.50 9.15 8.93
C PRO A 87 -6.03 9.21 8.86
N TYR A 88 -6.62 10.37 9.17
CA TYR A 88 -8.07 10.48 9.24
C TYR A 88 -8.65 11.02 7.93
N ASN A 89 -7.83 11.50 7.00
CA ASN A 89 -8.35 12.01 5.71
C ASN A 89 -7.66 11.40 4.49
N SER A 90 -6.74 10.46 4.70
CA SER A 90 -5.93 9.91 3.62
C SER A 90 -6.30 8.49 3.23
N ARG A 91 -6.38 8.25 1.92
CA ARG A 91 -6.62 6.93 1.32
C ARG A 91 -5.28 6.20 1.17
N PHE A 92 -5.24 4.90 1.47
CA PHE A 92 -4.08 4.10 1.25
C PHE A 92 -4.01 3.70 -0.21
N GLU A 93 -2.82 3.84 -0.83
CA GLU A 93 -2.64 3.45 -2.23
C GLU A 93 -1.74 2.21 -2.42
N SER A 94 -0.53 2.26 -1.87
CA SER A 94 0.45 1.16 -2.10
C SER A 94 1.59 1.26 -1.09
N VAL A 95 2.34 0.18 -0.92
CA VAL A 95 3.55 0.24 -0.10
C VAL A 95 4.65 0.72 -1.03
N ALA A 96 5.37 1.79 -0.68
CA ALA A 96 6.21 2.46 -1.69
C ALA A 96 7.20 3.41 -1.05
N TRP A 97 8.44 3.35 -1.55
CA TRP A 97 9.40 4.42 -1.33
C TRP A 97 9.79 5.20 -2.60
N SER A 98 9.13 4.86 -3.71
CA SER A 98 9.14 5.64 -4.96
C SER A 98 7.84 5.35 -5.67
N ALA A 99 7.25 6.37 -6.30
CA ALA A 99 5.89 6.23 -6.84
C ALA A 99 5.54 7.13 -7.99
N SER A 100 4.44 6.75 -8.66
CA SER A 100 3.76 7.60 -9.62
C SER A 100 2.26 7.24 -9.55
N ALA A 101 1.42 8.11 -10.09
CA ALA A 101 -0.01 7.84 -10.21
C ALA A 101 -0.60 8.73 -11.26
N CYS A 102 -1.68 8.28 -11.87
CA CYS A 102 -2.44 9.09 -12.85
C CYS A 102 -3.76 8.41 -13.18
N HIS A 103 -4.68 9.18 -13.73
CA HIS A 103 -6.04 8.75 -14.02
C HIS A 103 -6.27 8.82 -15.50
N ASP A 104 -6.81 7.76 -16.08
CA ASP A 104 -7.00 7.73 -17.54
C ASP A 104 -8.36 8.22 -18.03
N GLY A 105 -9.18 8.68 -17.08
CA GLY A 105 -10.56 9.05 -17.31
C GLY A 105 -11.55 8.02 -16.85
N MET A 106 -11.09 6.78 -16.66
CA MET A 106 -11.94 5.72 -16.12
C MET A 106 -11.49 5.22 -14.76
N GLY A 107 -10.20 5.27 -14.46
CA GLY A 107 -9.72 4.82 -13.15
C GLY A 107 -8.31 5.27 -12.84
N TRP A 108 -7.92 5.16 -11.57
CA TRP A 108 -6.61 5.53 -11.08
C TRP A 108 -5.63 4.40 -11.28
N LEU A 109 -4.51 4.70 -11.92
CA LEU A 109 -3.30 3.89 -11.92
C LEU A 109 -2.39 4.38 -10.78
N THR A 110 -1.88 3.47 -9.94
CA THR A 110 -0.83 3.81 -9.01
C THR A 110 0.33 2.85 -9.22
N ILE A 111 1.54 3.35 -9.04
CA ILE A 111 2.76 2.57 -9.17
C ILE A 111 3.53 2.80 -7.89
N GLY A 112 3.81 1.73 -7.15
CA GLY A 112 4.51 1.83 -5.88
C GLY A 112 5.65 0.85 -5.85
N ILE A 113 6.86 1.36 -5.65
CA ILE A 113 8.08 0.53 -5.62
C ILE A 113 8.49 0.33 -4.16
N SER A 114 8.60 -0.94 -3.78
CA SER A 114 9.15 -1.28 -2.48
C SER A 114 10.10 -2.47 -2.61
N GLY A 115 10.61 -2.96 -1.49
CA GLY A 115 11.58 -4.06 -1.52
C GLY A 115 13.00 -3.57 -1.35
N PRO A 116 13.97 -4.49 -1.43
CA PRO A 116 15.37 -4.16 -1.17
C PRO A 116 16.00 -3.37 -2.31
N ASP A 117 17.05 -2.63 -1.99
CA ASP A 117 17.73 -1.82 -2.99
C ASP A 117 18.25 -2.65 -4.17
N ASN A 118 18.65 -3.89 -3.88
CA ASN A 118 19.18 -4.78 -4.92
C ASN A 118 18.16 -5.60 -5.70
N GLY A 119 16.87 -5.37 -5.47
CA GLY A 119 15.85 -6.17 -6.15
C GLY A 119 14.45 -5.64 -5.93
N ALA A 120 14.30 -4.32 -6.01
CA ALA A 120 12.99 -3.72 -5.74
C ALA A 120 11.98 -4.11 -6.80
N VAL A 121 10.69 -4.04 -6.42
CA VAL A 121 9.61 -4.37 -7.32
C VAL A 121 8.55 -3.27 -7.31
N ALA A 122 8.18 -2.81 -8.51
CA ALA A 122 7.08 -1.87 -8.67
C ALA A 122 5.76 -2.67 -8.76
N VAL A 123 4.81 -2.32 -7.91
CA VAL A 123 3.47 -2.89 -7.93
C VAL A 123 2.56 -1.87 -8.58
N LEU A 124 1.93 -2.29 -9.67
CA LEU A 124 0.97 -1.49 -10.44
C LEU A 124 -0.44 -1.90 -10.00
N LYS A 125 -1.25 -0.90 -9.71
CA LYS A 125 -2.67 -1.09 -9.37
C LYS A 125 -3.55 -0.22 -10.25
N TYR A 126 -4.70 -0.76 -10.63
CA TYR A 126 -5.72 -0.01 -11.36
C TYR A 126 -7.03 -0.16 -10.63
N ASN A 127 -7.62 0.96 -10.20
CA ASN A 127 -8.79 0.90 -9.32
C ASN A 127 -8.47 0.13 -8.02
N GLY A 128 -7.22 0.21 -7.56
CA GLY A 128 -6.81 -0.41 -6.30
C GLY A 128 -6.55 -1.91 -6.32
N ILE A 129 -6.66 -2.53 -7.49
CA ILE A 129 -6.45 -3.98 -7.68
C ILE A 129 -5.09 -4.15 -8.36
N ILE A 130 -4.24 -5.05 -7.87
CA ILE A 130 -2.95 -5.26 -8.50
C ILE A 130 -3.15 -5.79 -9.92
N THR A 131 -2.46 -5.16 -10.87
CA THR A 131 -2.61 -5.50 -12.29
C THR A 131 -1.29 -5.89 -12.96
N ASP A 132 -0.16 -5.53 -12.35
CA ASP A 132 1.13 -5.92 -12.91
C ASP A 132 2.22 -5.66 -11.88
N THR A 133 3.40 -6.24 -12.14
CA THR A 133 4.59 -5.92 -11.34
C THR A 133 5.77 -5.76 -12.30
N ILE A 134 6.77 -4.97 -11.89
CA ILE A 134 7.99 -4.80 -12.67
C ILE A 134 9.15 -4.91 -11.70
N LYS A 135 10.03 -5.85 -11.94
CA LYS A 135 11.20 -6.00 -11.09
C LYS A 135 12.41 -5.22 -11.62
N SER A 136 13.24 -4.79 -10.68
CA SER A 136 14.51 -4.15 -10.94
C SER A 136 15.29 -4.98 -11.97
N TRP A 137 15.78 -4.35 -13.04
CA TRP A 137 16.57 -5.02 -14.05
C TRP A 137 18.07 -4.73 -13.98
N ARG A 138 18.49 -3.78 -13.14
CA ARG A 138 19.93 -3.50 -12.88
C ARG A 138 20.30 -3.71 -11.40
N ASN A 139 19.32 -4.08 -10.57
CA ASN A 139 19.57 -4.36 -9.16
C ASN A 139 20.22 -3.23 -8.43
N ASN A 140 19.79 -2.01 -8.73
CA ASN A 140 20.36 -0.83 -8.09
C ASN A 140 19.34 0.32 -8.00
N ILE A 141 18.44 0.17 -7.03
CA ILE A 141 17.43 1.18 -6.65
C ILE A 141 16.51 1.53 -7.82
N LEU A 142 15.71 0.56 -8.26
CA LEU A 142 14.62 0.83 -9.20
C LEU A 142 13.81 2.01 -8.66
N ARG A 143 13.54 2.99 -9.53
CA ARG A 143 12.92 4.25 -9.08
C ARG A 143 12.15 4.93 -10.21
N THR A 144 11.17 5.76 -9.83
CA THR A 144 10.31 6.36 -10.84
C THR A 144 10.11 7.87 -10.56
N GLN A 145 9.00 8.39 -11.03
CA GLN A 145 8.83 9.85 -11.21
C GLN A 145 8.76 10.67 -9.93
N GLU A 146 8.03 10.16 -8.95
CA GLU A 146 7.55 10.98 -7.83
C GLU A 146 6.67 12.14 -8.29
N SER A 147 5.97 11.93 -9.38
CA SER A 147 4.94 12.84 -9.85
C SER A 147 4.02 12.09 -10.77
N GLU A 148 3.00 12.76 -11.29
CA GLU A 148 1.98 12.06 -12.05
C GLU A 148 2.50 11.53 -13.37
N CYS A 149 2.05 10.33 -13.71
CA CYS A 149 2.26 9.79 -15.05
C CYS A 149 1.34 10.57 -16.02
N ALA A 150 1.49 10.35 -17.33
CA ALA A 150 0.77 11.11 -18.33
C ALA A 150 -0.15 10.18 -19.08
N CYS A 151 -1.42 10.56 -19.25
CA CYS A 151 -2.39 9.70 -19.97
C CYS A 151 -2.84 10.35 -21.27
N VAL A 152 -2.82 9.55 -22.32
CA VAL A 152 -3.28 9.94 -23.64
C VAL A 152 -4.06 8.78 -24.23
N ASN A 153 -5.34 8.99 -24.56
CA ASN A 153 -6.08 8.05 -25.42
C ASN A 153 -6.14 6.64 -24.80
N GLY A 154 -6.36 6.57 -23.49
CA GLY A 154 -6.54 5.28 -22.80
C GLY A 154 -5.27 4.54 -22.35
N SER A 155 -4.11 5.11 -22.66
CA SER A 155 -2.85 4.56 -22.18
C SER A 155 -2.16 5.58 -21.30
N CYS A 156 -1.41 5.12 -20.30
CA CYS A 156 -0.64 5.99 -19.44
C CYS A 156 0.84 5.64 -19.55
N PHE A 157 1.66 6.65 -19.33
CA PHE A 157 3.07 6.57 -19.65
C PHE A 157 3.92 7.08 -18.50
N THR A 158 4.99 6.37 -18.18
CA THR A 158 5.91 6.75 -17.13
C THR A 158 7.35 6.42 -17.53
N ILE A 159 8.30 6.87 -16.71
CA ILE A 159 9.72 6.58 -16.88
C ILE A 159 10.24 5.97 -15.58
N MET A 160 11.04 4.92 -15.71
CA MET A 160 11.70 4.31 -14.58
C MET A 160 13.20 4.23 -14.85
N THR A 161 13.96 4.33 -13.78
CA THR A 161 15.41 4.26 -13.84
C THR A 161 15.93 3.17 -12.89
N ASP A 162 17.04 2.54 -13.29
CA ASP A 162 17.69 1.55 -12.44
C ASP A 162 19.18 1.69 -12.74
N GLY A 163 20.00 1.71 -11.69
CA GLY A 163 21.44 1.91 -11.84
C GLY A 163 21.97 3.06 -10.99
N PRO A 164 23.26 3.37 -11.14
CA PRO A 164 23.93 4.39 -10.32
C PRO A 164 23.28 5.77 -10.34
N SER A 165 23.44 6.47 -9.22
CA SER A 165 23.04 7.87 -9.07
C SER A 165 24.15 8.84 -9.46
N ASN A 166 25.34 8.32 -9.72
CA ASN A 166 26.52 9.12 -9.95
C ASN A 166 27.31 8.68 -11.17
N GLY A 167 26.61 8.06 -12.12
CA GLY A 167 27.23 7.58 -13.35
C GLY A 167 26.13 7.07 -14.24
N GLN A 168 26.51 6.51 -15.38
CA GLN A 168 25.53 6.02 -16.36
C GLN A 168 24.60 5.00 -15.71
N ALA A 169 23.30 5.18 -15.95
CA ALA A 169 22.30 4.23 -15.48
C ALA A 169 21.44 3.84 -16.69
N SER A 170 20.32 3.17 -16.42
CA SER A 170 19.44 2.60 -17.42
C SER A 170 18.05 3.23 -17.25
N TYR A 171 17.44 3.66 -18.37
CA TYR A 171 16.19 4.44 -18.31
C TYR A 171 15.19 3.80 -19.28
N LYS A 172 13.95 3.53 -18.82
CA LYS A 172 12.94 2.91 -19.69
C LYS A 172 11.65 3.73 -19.66
N ILE A 173 11.01 3.81 -20.82
CA ILE A 173 9.65 4.32 -20.94
C ILE A 173 8.70 3.15 -20.89
N LEU A 174 7.61 3.29 -20.14
CA LEU A 174 6.60 2.26 -19.99
C LEU A 174 5.27 2.80 -20.50
N LYS A 175 4.56 1.97 -21.27
CA LYS A 175 3.18 2.23 -21.69
C LYS A 175 2.27 1.24 -20.95
N ILE A 176 1.24 1.78 -20.31
CA ILE A 176 0.40 1.03 -19.38
C ILE A 176 -1.05 1.24 -19.78
N GLU A 177 -1.80 0.16 -19.86
CA GLU A 177 -3.21 0.19 -20.25
C GLU A 177 -4.01 -0.58 -19.22
N LYS A 178 -4.91 0.11 -18.53
CA LYS A 178 -5.66 -0.45 -17.40
C LYS A 178 -4.73 -1.19 -16.43
N GLY A 179 -3.61 -0.57 -16.16
CA GLY A 179 -2.68 -1.08 -15.15
C GLY A 179 -1.74 -2.18 -15.62
N LYS A 180 -1.80 -2.56 -16.89
CA LYS A 180 -0.93 -3.62 -17.44
C LYS A 180 0.12 -2.99 -18.34
N VAL A 181 1.38 -3.34 -18.17
CA VAL A 181 2.40 -2.84 -19.09
C VAL A 181 2.20 -3.52 -20.47
N THR A 182 1.97 -2.72 -21.50
CA THR A 182 1.73 -3.25 -22.86
C THR A 182 2.90 -3.00 -23.80
N LYS A 183 3.82 -2.11 -23.40
CA LYS A 183 5.02 -1.84 -24.20
C LYS A 183 6.04 -1.14 -23.35
N SER A 184 7.31 -1.38 -23.64
CA SER A 184 8.37 -0.63 -23.02
C SER A 184 9.54 -0.50 -23.94
N ILE A 185 10.35 0.52 -23.73
CA ILE A 185 11.59 0.70 -24.51
C ILE A 185 12.65 1.32 -23.62
N GLU A 186 13.89 0.89 -23.78
CA GLU A 186 15.03 1.46 -23.07
C GLU A 186 15.59 2.61 -23.89
N LEU A 187 15.81 3.75 -23.24
CA LEU A 187 16.44 4.88 -23.87
C LEU A 187 17.90 4.57 -24.18
N ASN A 188 18.27 4.86 -25.41
CA ASN A 188 19.67 4.73 -25.86
C ASN A 188 20.28 6.09 -25.61
N ALA A 189 20.78 6.30 -24.39
CA ALA A 189 21.16 7.62 -23.89
C ALA A 189 22.48 7.59 -23.14
N PRO A 190 23.54 7.13 -23.84
CA PRO A 190 24.84 7.21 -23.20
C PRO A 190 25.18 8.69 -22.96
N ASN A 191 25.78 8.94 -21.82
CA ASN A 191 26.12 10.29 -21.39
C ASN A 191 24.95 11.13 -20.89
N TYR A 192 23.72 10.60 -20.91
CA TYR A 192 22.58 11.26 -20.27
C TYR A 192 22.34 10.61 -18.91
N HIS A 193 21.61 11.31 -18.06
CA HIS A 193 21.13 10.75 -16.79
C HIS A 193 19.71 11.28 -16.56
N TYR A 194 18.77 10.34 -16.39
CA TYR A 194 17.35 10.61 -16.16
C TYR A 194 16.89 10.07 -14.81
N GLU A 195 16.35 10.96 -13.99
CA GLU A 195 15.66 10.61 -12.74
C GLU A 195 14.44 11.49 -12.53
N GLU A 196 13.45 10.98 -11.83
CA GLU A 196 12.36 11.80 -11.27
C GLU A 196 11.70 12.68 -12.34
N CYS A 197 11.30 12.05 -13.43
CA CYS A 197 10.74 12.79 -14.57
C CYS A 197 9.39 13.42 -14.26
N SER A 198 9.22 14.65 -14.72
CA SER A 198 7.96 15.36 -14.68
C SER A 198 7.38 15.34 -16.10
N CYS A 199 6.35 14.54 -16.33
CA CYS A 199 5.83 14.22 -17.64
C CYS A 199 4.40 14.72 -17.81
N TYR A 200 4.11 15.35 -18.94
CA TYR A 200 2.77 15.83 -19.24
C TYR A 200 2.35 15.46 -20.66
N PRO A 201 1.05 15.33 -20.89
CA PRO A 201 0.53 15.13 -22.23
C PRO A 201 0.39 16.45 -22.98
N ASP A 202 0.60 16.41 -24.30
CA ASP A 202 0.49 17.59 -25.15
C ASP A 202 0.33 17.11 -26.58
N THR A 203 -0.83 17.40 -27.16
CA THR A 203 -1.10 17.16 -28.57
C THR A 203 -0.85 15.69 -28.93
N GLY A 204 -1.34 14.79 -28.08
CA GLY A 204 -1.29 13.36 -28.38
C GLY A 204 0.03 12.67 -28.10
N LYS A 205 1.00 13.43 -27.58
CA LYS A 205 2.33 12.91 -27.24
C LYS A 205 2.60 13.26 -25.80
N VAL A 206 3.76 12.87 -25.29
CA VAL A 206 4.17 13.17 -23.92
C VAL A 206 5.52 13.84 -23.93
N MET A 207 5.72 14.82 -23.05
CA MET A 207 7.00 15.47 -22.78
C MET A 207 7.36 15.26 -21.34
N CYS A 208 8.61 14.84 -21.10
CA CYS A 208 9.13 14.68 -19.74
C CYS A 208 10.38 15.51 -19.55
N VAL A 209 10.46 16.21 -18.43
CA VAL A 209 11.62 16.99 -18.05
C VAL A 209 12.10 16.45 -16.72
N CYS A 210 13.40 16.13 -16.64
CA CYS A 210 13.90 15.25 -15.60
C CYS A 210 15.12 15.81 -14.83
N ARG A 211 15.76 14.97 -14.02
CA ARG A 211 16.89 15.34 -13.21
C ARG A 211 18.08 14.50 -13.67
N ASP A 212 19.18 15.18 -14.00
CA ASP A 212 20.50 14.55 -14.22
C ASP A 212 21.28 14.66 -12.92
N ASN A 213 21.45 13.55 -12.22
CA ASN A 213 22.17 13.53 -10.95
C ASN A 213 23.67 13.28 -11.12
N TRP A 214 24.08 12.95 -12.34
CA TRP A 214 25.46 12.54 -12.64
C TRP A 214 26.35 13.75 -13.00
N HIS A 215 25.98 14.47 -14.03
CA HIS A 215 26.87 15.46 -14.61
C HIS A 215 26.22 16.56 -15.46
N GLY A 216 24.99 16.95 -15.08
CA GLY A 216 24.29 18.03 -15.75
C GLY A 216 23.57 18.96 -14.78
N SER A 217 23.76 20.26 -14.96
CA SER A 217 23.06 21.29 -14.15
C SER A 217 21.91 21.95 -14.90
N ASN A 218 21.78 21.61 -16.18
CA ASN A 218 20.57 21.80 -16.93
C ASN A 218 19.78 20.49 -16.89
N ARG A 219 18.52 20.53 -17.30
CA ARG A 219 17.66 19.34 -17.20
C ARG A 219 17.57 18.57 -18.51
N PRO A 220 17.66 17.24 -18.43
CA PRO A 220 17.38 16.40 -19.59
C PRO A 220 15.88 16.32 -19.87
N TRP A 221 15.51 16.04 -21.12
CA TRP A 221 14.12 15.83 -21.49
C TRP A 221 14.01 14.63 -22.41
N VAL A 222 12.84 14.03 -22.42
CA VAL A 222 12.51 12.97 -23.34
C VAL A 222 11.05 13.14 -23.76
N SER A 223 10.81 13.09 -25.05
CA SER A 223 9.45 13.18 -25.57
C SER A 223 9.12 11.94 -26.40
N PHE A 224 7.87 11.54 -26.47
CA PHE A 224 7.53 10.35 -27.21
C PHE A 224 6.09 10.30 -27.62
N ASP A 225 5.83 9.52 -28.66
CA ASP A 225 4.47 9.29 -29.14
C ASP A 225 3.91 8.02 -28.48
N GLN A 226 2.68 7.68 -28.84
CA GLN A 226 1.98 6.57 -28.18
C GLN A 226 2.62 5.19 -28.46
N ASN A 227 3.43 5.12 -29.52
CA ASN A 227 4.19 3.92 -29.90
C ASN A 227 5.56 3.85 -29.21
N LEU A 228 5.87 4.87 -28.40
CA LEU A 228 7.15 4.98 -27.68
C LEU A 228 8.33 5.32 -28.60
N ASP A 229 8.04 5.80 -29.80
CA ASP A 229 9.08 6.46 -30.61
C ASP A 229 9.47 7.74 -29.87
N TYR A 230 10.75 7.91 -29.55
CA TYR A 230 11.17 8.99 -28.65
C TYR A 230 12.26 9.89 -29.24
N GLN A 231 12.41 11.06 -28.62
CA GLN A 231 13.51 11.97 -28.85
C GLN A 231 14.04 12.40 -27.51
N ILE A 232 15.33 12.69 -27.45
CA ILE A 232 15.99 13.09 -26.21
C ILE A 232 16.88 14.31 -26.44
N GLY A 233 17.09 15.06 -25.35
CA GLY A 233 17.95 16.25 -25.40
C GLY A 233 18.06 16.83 -24.01
N TYR A 234 18.75 17.97 -23.88
CA TYR A 234 18.74 18.78 -22.66
C TYR A 234 18.19 20.18 -22.98
N ILE A 235 17.57 20.82 -21.99
CA ILE A 235 17.06 22.17 -22.17
C ILE A 235 18.27 23.08 -22.41
N CYS A 236 18.21 23.85 -23.50
CA CYS A 236 19.39 24.62 -23.94
C CYS A 236 19.63 25.91 -23.19
N SER A 237 18.60 26.48 -22.60
CA SER A 237 18.73 27.79 -21.94
C SER A 237 19.90 27.87 -20.96
N GLY A 238 20.59 29.00 -20.96
CA GLY A 238 21.60 29.30 -19.93
C GLY A 238 21.00 29.75 -18.60
N VAL A 239 19.67 29.77 -18.54
CA VAL A 239 18.95 29.89 -17.28
C VAL A 239 18.86 28.47 -16.71
N PHE A 240 19.89 28.06 -15.99
CA PHE A 240 20.04 26.63 -15.63
C PHE A 240 18.96 26.21 -14.62
N GLY A 241 18.40 25.02 -14.79
CA GLY A 241 17.24 24.64 -14.03
C GLY A 241 17.47 23.76 -12.82
N ASP A 242 18.62 23.08 -12.71
CA ASP A 242 18.81 22.13 -11.60
C ASP A 242 19.26 22.86 -10.32
N ASN A 243 19.39 22.10 -9.23
CA ASN A 243 19.99 22.58 -8.00
C ASN A 243 20.80 21.40 -7.46
N PRO A 244 22.12 21.56 -7.31
CA PRO A 244 22.92 22.77 -7.50
C PRO A 244 23.12 23.09 -8.99
N ARG A 245 23.68 24.27 -9.27
CA ARG A 245 23.92 24.70 -10.60
C ARG A 245 24.92 25.86 -10.57
N PRO A 246 25.49 26.20 -11.73
CA PRO A 246 26.28 27.42 -11.79
C PRO A 246 25.40 28.66 -11.88
N ASN A 247 26.01 29.84 -11.78
CA ASN A 247 25.30 31.06 -12.12
C ASN A 247 24.91 31.00 -13.59
N ASP A 248 23.87 31.73 -13.96
CA ASP A 248 23.38 31.72 -15.35
C ASP A 248 24.49 32.15 -16.30
N GLY A 249 24.50 31.53 -17.47
CA GLY A 249 25.57 31.76 -18.44
C GLY A 249 25.22 31.16 -19.77
N THR A 250 26.22 30.64 -20.48
CA THR A 250 25.96 30.01 -21.76
C THR A 250 25.52 28.56 -21.52
N GLY A 251 24.36 28.21 -22.07
CA GLY A 251 23.80 26.87 -21.90
C GLY A 251 24.35 25.88 -22.91
N SER A 252 23.78 24.68 -22.88
CA SER A 252 24.13 23.62 -23.83
C SER A 252 22.91 22.76 -24.11
N CYS A 253 22.83 22.17 -25.30
CA CYS A 253 21.79 21.19 -25.61
C CYS A 253 22.17 19.76 -25.20
N GLY A 254 23.37 19.63 -24.64
CA GLY A 254 23.78 18.46 -23.87
C GLY A 254 24.03 18.82 -22.42
N PRO A 255 24.51 17.86 -21.63
CA PRO A 255 24.65 18.14 -20.20
C PRO A 255 25.70 19.19 -19.88
N VAL A 256 25.33 20.15 -19.04
CA VAL A 256 26.25 21.16 -18.56
C VAL A 256 26.98 20.62 -17.35
N SER A 257 28.28 20.34 -17.51
CA SER A 257 29.05 19.68 -16.44
C SER A 257 29.25 20.50 -15.16
N SER A 258 29.36 21.82 -15.31
CA SER A 258 29.64 22.64 -14.14
C SER A 258 28.56 22.46 -13.06
N ASN A 259 28.96 22.07 -11.85
CA ASN A 259 28.02 21.84 -10.75
C ASN A 259 26.95 20.81 -11.11
N GLY A 260 27.30 19.89 -12.00
CA GLY A 260 26.33 18.95 -12.55
C GLY A 260 25.93 17.80 -11.67
N ALA A 261 26.86 17.35 -10.83
CA ALA A 261 26.56 16.27 -9.90
C ALA A 261 25.50 16.69 -8.90
N ASN A 262 24.75 15.70 -8.43
CA ASN A 262 23.61 15.88 -7.57
CA ASN A 262 23.61 15.91 -7.55
C ASN A 262 22.49 16.63 -8.30
N GLY A 263 21.44 17.04 -7.60
CA GLY A 263 20.29 17.55 -8.31
C GLY A 263 19.05 17.64 -7.45
N ILE A 264 17.95 18.00 -8.09
CA ILE A 264 16.65 18.09 -7.44
C ILE A 264 15.58 17.76 -8.49
N LYS A 265 14.52 17.08 -8.09
CA LYS A 265 13.41 16.93 -9.01
C LYS A 265 12.83 18.29 -9.38
N GLY A 266 12.51 18.45 -10.66
CA GLY A 266 11.88 19.67 -11.13
C GLY A 266 11.11 19.40 -12.42
N PHE A 267 10.74 20.49 -13.08
CA PHE A 267 9.87 20.42 -14.25
C PHE A 267 10.12 21.64 -15.14
N SER A 268 9.60 21.56 -16.35
CA SER A 268 9.49 22.72 -17.26
C SER A 268 8.40 22.43 -18.27
N PHE A 269 7.83 23.50 -18.83
CA PHE A 269 6.82 23.38 -19.89
C PHE A 269 7.36 24.02 -21.16
N ARG A 270 7.38 23.26 -22.24
CA ARG A 270 7.81 23.78 -23.55
C ARG A 270 6.63 24.46 -24.26
N TYR A 271 6.86 25.69 -24.75
CA TYR A 271 5.92 26.37 -25.62
C TYR A 271 6.69 26.79 -26.88
N ASP A 272 6.50 26.07 -27.96
CA ASP A 272 7.23 26.38 -29.18
C ASP A 272 8.75 26.21 -28.87
N ASN A 273 9.57 27.21 -29.17
CA ASN A 273 10.99 27.14 -28.84
C ASN A 273 11.27 27.74 -27.48
N GLY A 274 10.21 28.17 -26.79
CA GLY A 274 10.35 28.79 -25.48
C GLY A 274 10.07 27.80 -24.35
N VAL A 275 10.36 28.23 -23.13
CA VAL A 275 10.19 27.34 -21.97
C VAL A 275 9.83 28.13 -20.71
N TRP A 276 8.88 27.59 -19.94
CA TRP A 276 8.65 28.00 -18.56
C TRP A 276 9.45 27.07 -17.65
N ILE A 277 10.40 27.64 -16.93
CA ILE A 277 11.32 26.91 -16.05
C ILE A 277 10.91 27.21 -14.62
N GLY A 278 10.63 26.19 -13.84
CA GLY A 278 10.54 26.36 -12.39
C GLY A 278 11.85 25.99 -11.75
N ARG A 279 12.40 26.80 -10.87
CA ARG A 279 13.66 26.48 -10.25
C ARG A 279 13.81 27.10 -8.86
N THR A 280 14.72 26.55 -8.07
CA THR A 280 15.08 27.14 -6.82
C THR A 280 15.66 28.53 -7.08
N LYS A 281 15.69 29.40 -6.07
CA LYS A 281 16.36 30.69 -6.24
C LYS A 281 17.85 30.59 -5.92
N SER A 282 18.22 29.75 -4.96
CA SER A 282 19.62 29.50 -4.66
C SER A 282 20.25 28.55 -5.67
N THR A 283 21.52 28.81 -6.00
CA THR A 283 22.30 27.90 -6.83
C THR A 283 22.93 26.76 -6.02
N SER A 284 22.90 26.85 -4.70
CA SER A 284 23.64 25.89 -3.86
C SER A 284 22.80 25.09 -2.89
N SER A 285 21.67 25.63 -2.45
CA SER A 285 20.78 24.93 -1.52
C SER A 285 19.35 24.93 -2.03
N ARG A 286 18.52 24.07 -1.43
CA ARG A 286 17.13 23.93 -1.84
C ARG A 286 16.29 25.03 -1.17
N SER A 287 16.50 26.24 -1.68
CA SER A 287 15.93 27.45 -1.07
C SER A 287 15.32 28.31 -2.16
N GLY A 288 14.13 28.85 -1.85
CA GLY A 288 13.39 29.69 -2.77
C GLY A 288 12.81 28.96 -3.96
N PHE A 289 11.95 29.65 -4.68
CA PHE A 289 11.38 29.12 -5.92
C PHE A 289 10.89 30.26 -6.78
N GLU A 290 11.04 30.07 -8.08
CA GLU A 290 10.63 31.08 -9.04
C GLU A 290 10.24 30.41 -10.35
N MET A 291 9.37 31.05 -11.10
CA MET A 291 9.04 30.66 -12.45
C MET A 291 9.65 31.66 -13.43
N ILE A 292 10.33 31.17 -14.47
CA ILE A 292 10.99 32.02 -15.47
C ILE A 292 10.48 31.63 -16.84
N TRP A 293 10.03 32.65 -17.59
CA TRP A 293 9.65 32.48 -18.98
C TRP A 293 10.83 32.91 -19.84
N ASP A 294 11.40 31.97 -20.59
CA ASP A 294 12.49 32.24 -21.53
C ASP A 294 11.97 31.92 -22.93
N PRO A 295 11.67 32.95 -23.73
CA PRO A 295 10.95 32.74 -24.97
C PRO A 295 11.71 31.95 -26.05
N ASN A 296 13.01 31.74 -25.89
CA ASN A 296 13.75 30.87 -26.83
C ASN A 296 14.56 29.80 -26.10
N GLY A 297 14.24 29.53 -24.83
CA GLY A 297 15.13 28.73 -23.98
C GLY A 297 15.06 27.24 -24.19
N TRP A 298 14.09 26.74 -24.96
CA TRP A 298 14.10 25.30 -25.22
C TRP A 298 15.27 24.95 -26.13
N THR A 299 15.56 25.81 -27.11
CA THR A 299 16.51 25.48 -28.18
C THR A 299 17.71 26.40 -28.29
N GLU A 300 17.69 27.55 -27.61
CA GLU A 300 18.81 28.52 -27.68
C GLU A 300 19.54 28.65 -26.35
N THR A 301 20.86 28.90 -26.41
CA THR A 301 21.74 28.77 -25.24
C THR A 301 22.06 30.05 -24.50
N ASP A 302 21.47 31.16 -24.90
CA ASP A 302 21.70 32.40 -24.16
C ASP A 302 21.06 32.35 -22.77
N SER A 303 21.47 33.27 -21.89
CA SER A 303 20.94 33.37 -20.53
C SER A 303 19.89 34.47 -20.38
N SER A 304 19.44 35.02 -21.50
CA SER A 304 18.39 36.03 -21.45
C SER A 304 17.02 35.37 -21.28
N PHE A 305 16.16 36.05 -20.53
CA PHE A 305 14.77 35.62 -20.34
C PHE A 305 13.90 36.85 -20.19
N SER A 306 12.58 36.67 -20.25
CA SER A 306 11.70 37.84 -20.30
C SER A 306 10.82 38.06 -19.07
N VAL A 307 10.45 37.02 -18.34
CA VAL A 307 9.60 37.14 -17.16
C VAL A 307 10.12 36.29 -16.00
N ARG A 308 10.09 36.83 -14.80
CA ARG A 308 10.35 36.09 -13.59
C ARG A 308 9.18 36.32 -12.63
N GLN A 309 8.64 35.26 -12.07
CA GLN A 309 7.56 35.35 -11.07
C GLN A 309 7.99 34.63 -9.81
N ASP A 310 8.07 35.37 -8.70
CA ASP A 310 8.48 34.83 -7.42
C ASP A 310 7.37 33.94 -6.82
N ILE A 311 7.82 32.82 -6.24
CA ILE A 311 6.94 31.83 -5.64
C ILE A 311 7.28 31.59 -4.15
N VAL A 312 8.57 31.42 -3.84
CA VAL A 312 9.08 31.29 -2.48
C VAL A 312 10.37 32.12 -2.38
N ALA A 313 10.50 32.93 -1.34
CA ALA A 313 11.68 33.78 -1.19
C ALA A 313 12.94 32.93 -0.95
N ILE A 314 14.09 33.46 -1.34
CA ILE A 314 15.35 32.73 -1.19
C ILE A 314 15.72 32.43 0.27
N THR A 315 15.15 33.20 1.20
CA THR A 315 15.35 32.99 2.60
C THR A 315 14.48 31.87 3.21
N ASP A 316 13.68 31.19 2.37
CA ASP A 316 12.86 30.09 2.83
C ASP A 316 13.15 28.80 2.07
N TRP A 317 12.96 27.68 2.74
CA TRP A 317 13.25 26.38 2.15
C TRP A 317 12.21 25.98 1.12
N SER A 318 12.71 25.38 0.05
CA SER A 318 11.84 24.82 -0.98
C SER A 318 12.12 23.31 -1.05
N GLY A 319 12.20 22.74 -2.25
CA GLY A 319 12.31 21.30 -2.37
C GLY A 319 11.88 20.87 -3.76
N TYR A 320 11.44 19.62 -3.89
CA TYR A 320 10.99 19.09 -5.16
C TYR A 320 9.89 19.96 -5.81
N SER A 321 9.77 19.89 -7.12
CA SER A 321 8.64 20.45 -7.82
C SER A 321 8.30 19.57 -8.98
N GLY A 322 7.08 19.67 -9.46
CA GLY A 322 6.62 18.84 -10.55
C GLY A 322 5.44 19.41 -11.28
N SER A 323 5.24 18.96 -12.51
CA SER A 323 4.12 19.37 -13.33
C SER A 323 2.90 18.55 -12.95
N PHE A 324 1.71 19.13 -13.13
CA PHE A 324 0.49 18.33 -13.30
C PHE A 324 -0.36 19.08 -14.32
N VAL A 325 -1.28 18.38 -14.97
CA VAL A 325 -2.19 19.01 -15.92
C VAL A 325 -3.64 18.87 -15.46
N GLN A 326 -4.48 19.78 -15.93
CA GLN A 326 -5.92 19.61 -15.89
C GLN A 326 -6.45 19.48 -17.31
N HIS A 327 -7.00 18.33 -17.61
CA HIS A 327 -7.48 18.05 -18.96
C HIS A 327 -8.81 18.76 -19.24
N PRO A 328 -9.10 19.01 -20.54
CA PRO A 328 -10.42 19.54 -20.95
C PRO A 328 -11.63 18.84 -20.32
N GLU A 329 -11.54 17.53 -20.14
CA GLU A 329 -12.63 16.77 -19.53
C GLU A 329 -12.95 17.24 -18.10
N LEU A 330 -11.95 17.74 -17.39
CA LEU A 330 -12.15 18.30 -16.04
C LEU A 330 -12.57 19.77 -16.08
N THR A 331 -11.89 20.57 -16.90
CA THR A 331 -12.04 22.03 -16.88
C THR A 331 -13.12 22.61 -17.79
N GLY A 332 -13.47 21.89 -18.86
CA GLY A 332 -14.35 22.42 -19.90
C GLY A 332 -13.66 23.33 -20.91
N LEU A 333 -12.34 23.51 -20.78
CA LEU A 333 -11.58 24.33 -21.70
C LEU A 333 -11.27 23.52 -22.96
N ASP A 334 -10.74 24.18 -23.97
CA ASP A 334 -10.38 23.49 -25.23
C ASP A 334 -8.88 23.23 -25.36
N CYS A 335 -8.17 23.41 -24.24
CA CYS A 335 -6.72 23.27 -24.19
C CYS A 335 -6.34 22.58 -22.89
N MET A 336 -5.09 22.11 -22.86
CA MET A 336 -4.51 21.40 -21.73
C MET A 336 -3.95 22.42 -20.75
N ARG A 337 -4.49 22.47 -19.54
CA ARG A 337 -4.01 23.46 -18.55
C ARG A 337 -2.75 23.00 -17.80
N PRO A 338 -1.65 23.76 -17.89
CA PRO A 338 -0.45 23.42 -17.12
C PRO A 338 -0.51 23.95 -15.67
N CYS A 339 -0.10 23.11 -14.74
CA CYS A 339 -0.03 23.45 -13.33
C CYS A 339 1.26 22.93 -12.75
N PHE A 340 1.63 23.34 -11.54
CA PHE A 340 2.78 22.77 -10.85
C PHE A 340 2.60 22.82 -9.37
N TRP A 341 3.32 21.95 -8.66
CA TRP A 341 3.39 21.97 -7.22
C TRP A 341 4.84 22.13 -6.80
N VAL A 342 5.04 22.61 -5.55
CA VAL A 342 6.34 22.69 -4.91
C VAL A 342 6.22 22.07 -3.53
N GLU A 343 7.18 21.21 -3.22
CA GLU A 343 7.40 20.64 -1.90
C GLU A 343 8.31 21.55 -1.09
N LEU A 344 7.90 21.88 0.13
CA LEU A 344 8.64 22.78 1.00
C LEU A 344 9.23 21.89 2.12
N ILE A 345 10.52 21.53 1.99
CA ILE A 345 11.17 20.55 2.87
C ILE A 345 11.65 21.23 4.13
N ARG A 346 11.31 20.63 5.28
CA ARG A 346 11.76 21.10 6.57
C ARG A 346 12.47 19.98 7.34
N GLY A 347 13.40 20.36 8.20
CA GLY A 347 14.13 19.43 9.01
C GLY A 347 15.49 19.08 8.46
N GLN A 348 15.89 17.83 8.61
CA GLN A 348 17.19 17.40 8.13
C GLN A 348 17.27 17.42 6.60
N PRO A 349 18.48 17.64 6.05
CA PRO A 349 19.75 17.88 6.73
C PRO A 349 20.03 19.34 7.09
N LYS A 350 19.19 20.27 6.65
CA LYS A 350 19.50 21.67 6.82
C LYS A 350 19.16 22.24 8.19
N GLU A 351 18.24 21.59 8.88
CA GLU A 351 17.77 22.05 10.18
C GLU A 351 17.98 20.96 11.21
N ASN A 352 18.21 21.36 12.45
CA ASN A 352 18.61 20.47 13.52
C ASN A 352 17.45 19.76 14.24
N THR A 353 16.66 18.99 13.50
CA THR A 353 15.57 18.22 14.04
C THR A 353 15.92 16.74 13.89
N ILE A 354 15.19 15.86 14.55
CA ILE A 354 15.38 14.43 14.35
C ILE A 354 14.77 13.95 13.03
N TRP A 355 13.93 14.80 12.44
CA TRP A 355 13.05 14.43 11.35
C TRP A 355 13.21 15.30 10.09
N THR A 356 12.64 14.80 9.00
CA THR A 356 12.47 15.52 7.74
C THR A 356 11.04 15.31 7.23
N SER A 357 10.39 16.40 6.84
CA SER A 357 9.10 16.29 6.16
C SER A 357 8.96 17.40 5.12
N GLY A 358 7.83 17.44 4.43
CA GLY A 358 7.56 18.53 3.49
C GLY A 358 6.09 18.91 3.54
N SER A 359 5.79 20.19 3.28
CA SER A 359 4.43 20.66 3.00
C SER A 359 4.36 21.00 1.51
N SER A 360 3.22 21.46 1.03
CA SER A 360 3.10 21.74 -0.39
C SER A 360 2.29 23.00 -0.72
N ILE A 361 2.62 23.57 -1.86
CA ILE A 361 1.88 24.63 -2.52
C ILE A 361 1.71 24.24 -3.99
N SER A 362 0.71 24.79 -4.65
CA SER A 362 0.53 24.55 -6.08
C SER A 362 -0.10 25.74 -6.75
N PHE A 363 0.08 25.79 -8.08
CA PHE A 363 -0.30 26.92 -8.92
C PHE A 363 -0.81 26.40 -10.25
N CYS A 364 -1.66 27.17 -10.92
CA CYS A 364 -2.03 26.83 -12.29
C CYS A 364 -1.78 27.98 -13.25
N GLY A 365 -1.44 27.61 -14.48
CA GLY A 365 -1.18 28.62 -15.51
C GLY A 365 -2.47 29.27 -15.96
N VAL A 366 -2.47 30.60 -15.99
CA VAL A 366 -3.63 31.37 -16.45
C VAL A 366 -3.17 32.45 -17.43
N ASN A 367 -4.09 32.85 -18.31
CA ASN A 367 -3.90 34.00 -19.21
C ASN A 367 -4.71 35.17 -18.67
N SER A 368 -4.33 35.58 -17.47
CA SER A 368 -5.01 36.68 -16.74
C SER A 368 -4.00 37.15 -15.70
N ASP A 369 -4.34 38.18 -14.93
CA ASP A 369 -3.38 38.83 -14.08
C ASP A 369 -2.97 37.96 -12.90
N THR A 370 -1.69 38.02 -12.54
CA THR A 370 -1.13 37.26 -11.45
C THR A 370 -0.11 38.13 -10.73
N VAL A 371 0.46 37.60 -9.65
CA VAL A 371 1.42 38.31 -8.84
C VAL A 371 2.45 37.35 -8.25
N GLY A 372 3.67 37.84 -8.17
CA GLY A 372 4.73 37.16 -7.44
C GLY A 372 4.60 37.42 -5.94
N TRP A 373 4.93 36.43 -5.11
CA TRP A 373 5.02 36.63 -3.67
C TRP A 373 5.87 35.52 -3.10
N SER A 374 5.79 35.30 -1.80
CA SER A 374 6.41 34.15 -1.14
C SER A 374 5.34 33.45 -0.31
N TRP A 375 5.15 32.15 -0.55
CA TRP A 375 4.23 31.35 0.22
C TRP A 375 5.01 30.18 0.79
N PRO A 376 5.82 30.45 1.82
CA PRO A 376 6.72 29.43 2.37
C PRO A 376 6.03 28.49 3.36
N ASP A 377 6.79 27.53 3.88
CA ASP A 377 6.23 26.56 4.82
C ASP A 377 5.69 27.20 6.09
N GLY A 378 6.52 28.03 6.70
CA GLY A 378 6.06 28.79 7.87
C GLY A 378 6.06 28.07 9.22
N ALA A 379 6.53 26.82 9.28
CA ALA A 379 6.62 26.11 10.56
C ALA A 379 7.82 26.64 11.36
N GLU A 380 7.68 26.59 12.68
CA GLU A 380 8.70 27.05 13.63
C GLU A 380 9.35 25.81 14.26
N LEU A 381 10.57 25.52 13.84
CA LEU A 381 11.29 24.32 14.29
C LEU A 381 12.31 24.65 15.38
N PRO A 382 12.65 23.68 16.24
CA PRO A 382 12.08 22.34 16.35
C PRO A 382 10.71 22.30 17.03
N PHE A 383 10.05 21.14 16.99
CA PHE A 383 8.80 20.84 17.74
C PHE A 383 9.11 20.26 19.14
N SER A 384 8.10 19.81 19.89
CA SER A 384 8.34 19.25 21.24
C SER A 384 9.20 17.98 21.19
N ILE A 385 9.03 17.19 20.13
CA ILE A 385 9.83 15.99 19.88
C ILE A 385 10.50 16.07 18.50
N VAL B 1 -26.07 -8.54 -8.37
CA VAL B 1 -24.81 -9.34 -8.45
C VAL B 1 -24.69 -10.27 -7.26
N ILE B 2 -24.94 -11.56 -7.41
CA ILE B 2 -24.39 -12.47 -6.41
C ILE B 2 -23.10 -13.02 -7.01
N LEU B 3 -22.08 -13.11 -6.16
CA LEU B 3 -20.81 -13.69 -6.55
C LEU B 3 -21.01 -15.17 -6.86
N THR B 4 -20.57 -15.60 -8.05
CA THR B 4 -20.81 -16.99 -8.44
C THR B 4 -19.96 -17.96 -7.63
N GLY B 5 -18.71 -17.59 -7.37
CA GLY B 5 -17.75 -18.47 -6.70
C GLY B 5 -17.41 -19.73 -7.50
N ASN B 6 -17.61 -19.69 -8.82
CA ASN B 6 -17.40 -20.90 -9.64
C ASN B 6 -16.01 -21.01 -10.26
N SER B 7 -15.21 -19.95 -10.16
CA SER B 7 -13.85 -19.96 -10.73
C SER B 7 -12.83 -20.70 -9.86
N SER B 8 -11.73 -21.12 -10.48
CA SER B 8 -10.64 -21.78 -9.79
CA SER B 8 -10.63 -21.78 -9.80
C SER B 8 -9.55 -20.76 -9.48
N LEU B 9 -8.64 -21.11 -8.58
CA LEU B 9 -7.57 -20.19 -8.17
C LEU B 9 -6.68 -19.83 -9.36
N CYS B 10 -6.35 -18.55 -9.45
CA CYS B 10 -5.45 -18.05 -10.47
C CYS B 10 -4.09 -18.74 -10.37
N PRO B 11 -3.45 -19.04 -11.51
CA PRO B 11 -2.05 -19.45 -11.44
C PRO B 11 -1.17 -18.31 -10.92
N ILE B 12 -0.24 -18.61 -10.04
CA ILE B 12 0.64 -17.61 -9.44
C ILE B 12 2.06 -18.12 -9.33
N SER B 13 3.03 -17.20 -9.23
CA SER B 13 4.41 -17.54 -8.96
C SER B 13 4.91 -16.96 -7.62
N GLY B 14 4.19 -15.99 -7.04
CA GLY B 14 4.66 -15.38 -5.81
C GLY B 14 3.68 -14.33 -5.36
N TRP B 15 4.10 -13.53 -4.39
CA TRP B 15 3.19 -12.68 -3.66
C TRP B 15 3.69 -11.22 -3.74
N ALA B 16 2.81 -10.34 -4.21
CA ALA B 16 3.07 -8.90 -4.38
C ALA B 16 2.46 -8.16 -3.17
N ILE B 17 3.20 -7.22 -2.58
CA ILE B 17 2.67 -6.51 -1.42
C ILE B 17 1.48 -5.61 -1.79
N TYR B 18 0.39 -5.75 -1.04
CA TYR B 18 -0.87 -5.08 -1.31
C TYR B 18 -1.10 -3.92 -0.34
N SER B 19 -0.85 -4.13 0.95
CA SER B 19 -1.07 -3.07 1.95
C SER B 19 -0.16 -3.16 3.16
N LYS B 20 -0.03 -2.05 3.84
CA LYS B 20 0.66 -1.96 5.14
C LYS B 20 0.08 -0.78 5.91
N ASP B 21 -0.52 -1.02 7.07
CA ASP B 21 -1.24 0.08 7.75
C ASP B 21 -0.41 0.86 8.76
N ASN B 22 0.71 0.32 9.18
CA ASN B 22 1.56 1.03 10.15
C ASN B 22 0.77 1.48 11.39
N GLY B 23 -0.24 0.70 11.78
CA GLY B 23 -1.18 1.18 12.79
C GLY B 23 -0.56 1.53 14.12
N ILE B 24 0.37 0.70 14.57
CA ILE B 24 0.97 0.90 15.90
C ILE B 24 1.97 2.08 15.90
N ARG B 25 2.82 2.16 14.87
CA ARG B 25 3.66 3.33 14.66
C ARG B 25 2.83 4.63 14.68
N ILE B 26 1.71 4.63 13.96
CA ILE B 26 0.84 5.81 13.91
C ILE B 26 0.21 6.08 15.27
N GLY B 27 -0.18 5.01 15.98
CA GLY B 27 -0.83 5.10 17.29
C GLY B 27 0.06 5.59 18.44
N SER B 28 1.36 5.69 18.18
CA SER B 28 2.27 6.32 19.12
C SER B 28 1.89 7.77 19.37
N LYS B 29 1.27 8.40 18.37
CA LYS B 29 0.85 9.79 18.47
C LYS B 29 -0.62 10.02 18.18
N GLY B 30 -1.17 9.32 17.20
CA GLY B 30 -2.56 9.48 16.80
C GLY B 30 -3.52 8.74 17.68
N ASP B 31 -4.78 8.74 17.29
CA ASP B 31 -5.86 8.12 18.02
C ASP B 31 -6.23 6.85 17.29
N VAL B 32 -5.66 5.73 17.73
CA VAL B 32 -5.74 4.47 17.05
C VAL B 32 -6.22 3.42 18.05
N PHE B 33 -7.18 2.61 17.64
CA PHE B 33 -7.67 1.54 18.51
C PHE B 33 -6.60 0.54 18.88
N VAL B 34 -6.66 0.08 20.12
CA VAL B 34 -6.04 -1.18 20.49
C VAL B 34 -6.90 -2.28 19.85
N ILE B 35 -6.25 -3.16 19.09
CA ILE B 35 -6.94 -4.23 18.40
C ILE B 35 -6.21 -5.55 18.54
N ARG B 36 -6.84 -6.61 18.07
CA ARG B 36 -6.12 -7.81 17.62
C ARG B 36 -7.08 -8.53 16.67
N GLU B 37 -6.61 -9.64 16.10
CA GLU B 37 -7.45 -10.44 15.21
C GLU B 37 -8.02 -9.62 14.03
N PRO B 38 -7.14 -8.94 13.28
CA PRO B 38 -7.58 -8.23 12.10
C PRO B 38 -7.79 -9.22 10.94
N PHE B 39 -8.59 -8.87 9.95
CA PHE B 39 -8.67 -9.64 8.73
C PHE B 39 -9.22 -8.81 7.59
N ILE B 40 -8.90 -9.16 6.37
CA ILE B 40 -9.39 -8.43 5.20
C ILE B 40 -10.48 -9.22 4.51
N SER B 41 -11.49 -8.52 4.01
CA SER B 41 -12.51 -9.13 3.18
C SER B 41 -12.99 -8.11 2.16
N CYS B 42 -13.41 -8.61 0.99
CA CYS B 42 -13.77 -7.74 -0.14
C CYS B 42 -15.19 -8.01 -0.64
N SER B 43 -15.76 -6.99 -1.26
CA SER B 43 -17.00 -7.12 -1.99
C SER B 43 -16.66 -7.15 -3.49
N HIS B 44 -17.67 -6.95 -4.33
CA HIS B 44 -17.45 -6.72 -5.76
C HIS B 44 -16.96 -5.30 -6.05
N LEU B 45 -16.90 -4.45 -5.03
CA LEU B 45 -16.54 -3.04 -5.19
C LEU B 45 -15.32 -2.56 -4.39
N GLU B 46 -15.02 -3.16 -3.24
CA GLU B 46 -13.95 -2.64 -2.39
C GLU B 46 -13.48 -3.66 -1.39
N CYS B 47 -12.34 -3.38 -0.76
CA CYS B 47 -11.82 -4.23 0.29
C CYS B 47 -11.75 -3.49 1.61
N ARG B 48 -12.04 -4.20 2.69
CA ARG B 48 -12.09 -3.62 4.03
C ARG B 48 -11.28 -4.46 4.98
N THR B 49 -10.71 -3.80 5.98
CA THR B 49 -10.07 -4.48 7.09
C THR B 49 -11.07 -4.50 8.26
N PHE B 50 -11.34 -5.68 8.78
CA PHE B 50 -12.13 -5.91 9.99
C PHE B 50 -11.18 -6.19 11.15
N PHE B 51 -11.60 -5.94 12.38
CA PHE B 51 -10.71 -6.15 13.51
C PHE B 51 -11.53 -6.13 14.78
N LEU B 52 -10.99 -6.75 15.82
CA LEU B 52 -11.60 -6.75 17.14
C LEU B 52 -10.91 -5.69 18.01
N THR B 53 -11.61 -4.60 18.26
CA THR B 53 -11.07 -3.60 19.16
C THR B 53 -11.08 -4.14 20.58
N GLN B 54 -10.37 -3.45 21.45
CA GLN B 54 -10.48 -3.63 22.90
C GLN B 54 -11.27 -2.48 23.53
N GLY B 55 -12.01 -1.73 22.74
CA GLY B 55 -12.79 -0.63 23.29
C GLY B 55 -11.95 0.44 23.94
N ALA B 56 -10.77 0.67 23.37
CA ALA B 56 -9.74 1.55 23.97
C ALA B 56 -8.78 1.93 22.87
N LEU B 57 -8.07 3.04 23.08
CA LEU B 57 -7.01 3.50 22.17
C LEU B 57 -5.61 3.26 22.75
N LEU B 58 -4.65 3.20 21.84
CA LEU B 58 -3.22 3.13 22.21
C LEU B 58 -2.75 4.37 22.95
N ASN B 59 -1.71 4.21 23.78
CA ASN B 59 -1.08 5.32 24.46
C ASN B 59 -2.07 5.98 25.45
N ASP B 60 -2.79 5.12 26.16
CA ASP B 60 -3.83 5.51 27.12
C ASP B 60 -3.99 4.42 28.17
N LYS B 61 -4.34 4.81 29.39
CA LYS B 61 -4.47 3.84 30.47
C LYS B 61 -5.50 2.74 30.23
N HIS B 62 -6.50 2.98 29.38
CA HIS B 62 -7.51 1.93 29.12
C HIS B 62 -6.97 0.82 28.24
N SER B 63 -5.78 0.99 27.69
CA SER B 63 -5.07 -0.12 27.02
C SER B 63 -4.51 -1.15 28.01
N ASN B 64 -4.53 -0.84 29.32
CA ASN B 64 -4.05 -1.78 30.32
C ASN B 64 -4.80 -3.10 30.27
N GLY B 65 -4.06 -4.21 30.29
CA GLY B 65 -4.68 -5.53 30.42
C GLY B 65 -5.18 -6.12 29.12
N THR B 66 -4.87 -5.49 27.99
CA THR B 66 -5.44 -5.88 26.68
C THR B 66 -4.79 -7.13 26.04
N VAL B 67 -3.88 -7.78 26.75
CA VAL B 67 -3.49 -9.15 26.37
C VAL B 67 -4.72 -10.09 26.50
N LYS B 68 -5.66 -9.74 27.38
CA LYS B 68 -6.86 -10.56 27.62
C LYS B 68 -7.69 -10.74 26.37
N ASP B 69 -8.13 -11.96 26.11
CA ASP B 69 -8.82 -12.29 24.87
C ASP B 69 -10.27 -11.83 24.78
N ARG B 70 -11.03 -11.90 25.89
CA ARG B 70 -12.47 -11.72 25.84
C ARG B 70 -12.93 -10.77 26.93
N SER B 71 -13.79 -9.84 26.55
CA SER B 71 -14.35 -8.85 27.48
C SER B 71 -15.63 -8.31 26.87
N PRO B 72 -16.45 -7.62 27.69
CA PRO B 72 -17.65 -6.95 27.14
C PRO B 72 -17.37 -5.68 26.33
N TYR B 73 -16.10 -5.22 26.29
CA TYR B 73 -15.76 -3.98 25.62
C TYR B 73 -15.31 -4.20 24.18
N ARG B 74 -14.96 -5.44 23.84
CA ARG B 74 -14.46 -5.74 22.49
C ARG B 74 -15.57 -5.64 21.46
N THR B 75 -15.24 -4.98 20.35
CA THR B 75 -16.18 -4.77 19.26
C THR B 75 -15.52 -5.08 17.92
N LEU B 76 -16.31 -5.65 17.02
CA LEU B 76 -15.93 -5.80 15.62
C LEU B 76 -16.21 -4.51 14.88
N MET B 77 -15.15 -3.97 14.28
CA MET B 77 -15.23 -2.72 13.53
C MET B 77 -14.48 -2.91 12.21
N SER B 78 -14.64 -1.98 11.29
CA SER B 78 -13.94 -2.08 10.01
C SER B 78 -13.50 -0.72 9.51
N CYS B 79 -12.45 -0.71 8.71
CA CYS B 79 -11.98 0.51 8.07
C CYS B 79 -11.40 0.16 6.68
N PRO B 80 -11.11 1.17 5.84
CA PRO B 80 -10.52 0.84 4.55
C PRO B 80 -9.16 0.17 4.66
N VAL B 81 -8.86 -0.73 3.73
CA VAL B 81 -7.58 -1.42 3.74
C VAL B 81 -6.39 -0.45 3.72
N GLY B 82 -5.42 -0.69 4.61
CA GLY B 82 -4.18 0.09 4.64
C GLY B 82 -4.23 1.32 5.52
N GLU B 83 -5.39 1.63 6.09
CA GLU B 83 -5.52 2.78 7.00
C GLU B 83 -5.39 2.34 8.46
N ALA B 84 -4.82 3.20 9.29
CA ALA B 84 -4.76 2.91 10.74
C ALA B 84 -6.19 2.87 11.28
N PRO B 85 -6.51 1.87 12.13
CA PRO B 85 -7.87 1.74 12.65
C PRO B 85 -8.15 2.77 13.73
N SER B 86 -8.91 3.80 13.41
CA SER B 86 -9.18 4.88 14.33
CA SER B 86 -9.20 4.91 14.34
C SER B 86 -10.69 5.05 14.57
N PRO B 87 -11.07 5.64 15.73
CA PRO B 87 -12.50 5.99 15.90
C PRO B 87 -12.99 6.99 14.84
N TYR B 88 -12.08 7.65 14.12
CA TYR B 88 -12.48 8.67 13.13
C TYR B 88 -12.58 8.13 11.71
N ASN B 89 -12.14 6.90 11.46
CA ASN B 89 -12.27 6.29 10.13
C ASN B 89 -12.89 4.88 10.11
N SER B 90 -13.40 4.42 11.25
CA SER B 90 -13.88 3.04 11.41
C SER B 90 -15.39 2.95 11.60
N ARG B 91 -16.01 2.04 10.87
CA ARG B 91 -17.44 1.71 10.96
C ARG B 91 -17.63 0.67 12.05
N PHE B 92 -18.70 0.81 12.83
CA PHE B 92 -19.05 -0.18 13.83
C PHE B 92 -19.82 -1.32 13.16
N GLU B 93 -19.43 -2.56 13.51
CA GLU B 93 -20.12 -3.74 12.97
C GLU B 93 -20.95 -4.51 14.01
N SER B 94 -20.29 -4.92 15.09
CA SER B 94 -20.96 -5.74 16.11
C SER B 94 -20.19 -5.74 17.42
N VAL B 95 -20.84 -6.17 18.51
CA VAL B 95 -20.12 -6.40 19.76
C VAL B 95 -19.54 -7.81 19.71
N ALA B 96 -18.24 -7.97 19.93
CA ALA B 96 -17.61 -9.26 19.57
C ALA B 96 -16.22 -9.42 20.14
N TRP B 97 -15.96 -10.64 20.66
CA TRP B 97 -14.61 -11.07 20.97
C TRP B 97 -14.15 -12.24 20.08
N SER B 98 -15.00 -12.63 19.12
CA SER B 98 -14.66 -13.56 18.04
C SER B 98 -15.58 -13.23 16.89
N ALA B 99 -15.07 -13.26 15.67
CA ALA B 99 -15.84 -12.77 14.51
C ALA B 99 -15.47 -13.37 13.15
N SER B 100 -16.37 -13.15 12.21
CA SER B 100 -16.13 -13.37 10.79
C SER B 100 -16.98 -12.37 10.01
N ALA B 101 -16.67 -12.17 8.74
CA ALA B 101 -17.46 -11.30 7.87
C ALA B 101 -17.17 -11.67 6.44
N CYS B 102 -18.14 -11.41 5.56
CA CYS B 102 -17.97 -11.63 4.11
C CYS B 102 -19.13 -11.05 3.34
N HIS B 103 -18.94 -10.83 2.05
CA HIS B 103 -19.90 -10.14 1.22
C HIS B 103 -20.34 -11.09 0.10
N ASP B 104 -21.63 -11.24 -0.11
CA ASP B 104 -22.12 -12.20 -1.08
C ASP B 104 -22.34 -11.62 -2.47
N GLY B 105 -21.94 -10.37 -2.66
CA GLY B 105 -22.19 -9.63 -3.90
C GLY B 105 -23.32 -8.63 -3.78
N MET B 106 -24.17 -8.81 -2.78
CA MET B 106 -25.29 -7.91 -2.54
C MET B 106 -25.20 -7.19 -1.19
N GLY B 107 -24.61 -7.83 -0.20
CA GLY B 107 -24.48 -7.19 1.10
C GLY B 107 -23.49 -7.89 2.02
N TRP B 108 -23.08 -7.18 3.06
CA TRP B 108 -22.17 -7.68 4.07
C TRP B 108 -22.89 -8.51 5.12
N LEU B 109 -22.36 -9.70 5.34
CA LEU B 109 -22.65 -10.53 6.51
C LEU B 109 -21.55 -10.29 7.56
N THR B 110 -21.93 -10.00 8.82
CA THR B 110 -20.99 -10.00 9.90
C THR B 110 -21.48 -10.98 10.98
N ILE B 111 -20.54 -11.63 11.64
CA ILE B 111 -20.83 -12.57 12.72
C ILE B 111 -20.00 -12.11 13.91
N GLY B 112 -20.64 -11.78 15.02
CA GLY B 112 -19.95 -11.27 16.18
C GLY B 112 -20.40 -12.05 17.40
N ILE B 113 -19.45 -12.70 18.09
CA ILE B 113 -19.73 -13.50 19.28
C ILE B 113 -19.38 -12.72 20.53
N SER B 114 -20.35 -12.57 21.43
CA SER B 114 -20.09 -11.95 22.72
C SER B 114 -20.84 -12.74 23.79
N GLY B 115 -20.80 -12.26 25.01
CA GLY B 115 -21.42 -12.97 26.11
C GLY B 115 -20.40 -13.75 26.92
N PRO B 116 -20.90 -14.51 27.91
CA PRO B 116 -20.03 -15.22 28.83
C PRO B 116 -19.42 -16.46 28.19
N ASP B 117 -18.31 -16.91 28.76
CA ASP B 117 -17.60 -18.09 28.25
C ASP B 117 -18.46 -19.34 28.26
N ASN B 118 -19.36 -19.43 29.23
CA ASN B 118 -20.23 -20.59 29.34
C ASN B 118 -21.56 -20.52 28.60
N GLY B 119 -21.76 -19.47 27.81
CA GLY B 119 -23.02 -19.34 27.07
C GLY B 119 -23.00 -18.24 26.04
N ALA B 120 -21.91 -18.14 25.30
CA ALA B 120 -21.77 -17.06 24.34
C ALA B 120 -22.80 -17.16 23.22
N VAL B 121 -23.10 -16.02 22.59
CA VAL B 121 -24.03 -15.97 21.48
C VAL B 121 -23.43 -15.24 20.29
N ALA B 122 -23.49 -15.86 19.13
CA ALA B 122 -23.09 -15.23 17.87
C ALA B 122 -24.28 -14.46 17.34
N VAL B 123 -24.09 -13.17 17.05
CA VAL B 123 -25.10 -12.32 16.44
C VAL B 123 -24.73 -12.16 14.97
N LEU B 124 -25.64 -12.56 14.08
CA LEU B 124 -25.44 -12.46 12.64
C LEU B 124 -26.21 -11.22 12.18
N LYS B 125 -25.54 -10.42 11.36
CA LYS B 125 -26.14 -9.25 10.75
C LYS B 125 -25.93 -9.29 9.23
N TYR B 126 -26.93 -8.84 8.48
CA TYR B 126 -26.80 -8.67 7.04
C TYR B 126 -27.22 -7.26 6.68
N ASN B 127 -26.35 -6.50 6.02
CA ASN B 127 -26.57 -5.06 5.85
C ASN B 127 -26.78 -4.36 7.19
N GLY B 128 -26.13 -4.84 8.24
CA GLY B 128 -26.19 -4.17 9.54
C GLY B 128 -27.42 -4.42 10.38
N ILE B 129 -28.35 -5.25 9.89
CA ILE B 129 -29.58 -5.60 10.60
C ILE B 129 -29.43 -7.02 11.15
N ILE B 130 -29.78 -7.25 12.42
CA ILE B 130 -29.67 -8.58 13.00
C ILE B 130 -30.62 -9.51 12.25
N THR B 131 -30.10 -10.64 11.79
CA THR B 131 -30.84 -11.62 11.00
C THR B 131 -30.89 -13.01 11.64
N ASP B 132 -29.99 -13.30 12.57
CA ASP B 132 -30.02 -14.58 13.25
C ASP B 132 -29.13 -14.53 14.49
N THR B 133 -29.28 -15.53 15.35
CA THR B 133 -28.36 -15.72 16.45
C THR B 133 -28.06 -17.21 16.58
N ILE B 134 -26.90 -17.52 17.14
CA ILE B 134 -26.51 -18.91 17.39
C ILE B 134 -25.89 -18.95 18.77
N LYS B 135 -26.49 -19.77 19.64
CA LYS B 135 -25.94 -19.93 20.98
C LYS B 135 -24.97 -21.11 21.09
N SER B 136 -24.02 -20.94 21.99
CA SER B 136 -23.09 -21.97 22.42
C SER B 136 -23.84 -23.28 22.67
N TRP B 137 -23.36 -24.37 22.06
CA TRP B 137 -23.99 -25.69 22.21
C TRP B 137 -23.18 -26.63 23.12
N ARG B 138 -21.96 -26.24 23.47
CA ARG B 138 -21.13 -26.97 24.44
C ARG B 138 -20.73 -26.14 25.67
N ASN B 139 -21.18 -24.87 25.72
CA ASN B 139 -20.94 -24.00 26.87
C ASN B 139 -19.47 -23.86 27.22
N ASN B 140 -18.63 -23.74 26.19
CA ASN B 140 -17.18 -23.58 26.41
C ASN B 140 -16.53 -22.79 25.28
N ILE B 141 -16.72 -21.47 25.34
CA ILE B 141 -16.11 -20.48 24.44
C ILE B 141 -16.46 -20.75 22.98
N LEU B 142 -17.71 -20.58 22.62
CA LEU B 142 -18.09 -20.56 21.22
C LEU B 142 -17.20 -19.58 20.48
N ARG B 143 -16.67 -20.01 19.32
CA ARG B 143 -15.67 -19.19 18.63
C ARG B 143 -15.66 -19.53 17.14
N THR B 144 -15.18 -18.58 16.34
CA THR B 144 -15.20 -18.71 14.90
C THR B 144 -13.89 -18.30 14.25
N GLN B 145 -13.95 -17.90 12.98
CA GLN B 145 -12.76 -17.87 12.15
C GLN B 145 -11.69 -16.83 12.48
N GLU B 146 -12.15 -15.63 12.82
CA GLU B 146 -11.27 -14.44 12.86
C GLU B 146 -10.67 -14.17 11.47
N SER B 147 -11.42 -14.55 10.43
CA SER B 147 -11.11 -14.18 9.05
C SER B 147 -12.38 -14.28 8.24
N GLU B 148 -12.29 -13.98 6.95
CA GLU B 148 -13.50 -13.87 6.15
C GLU B 148 -14.16 -15.23 5.95
N CYS B 149 -15.49 -15.22 5.96
CA CYS B 149 -16.25 -16.38 5.52
C CYS B 149 -16.15 -16.48 3.99
N ALA B 150 -16.66 -17.56 3.41
CA ALA B 150 -16.54 -17.79 1.96
C ALA B 150 -17.91 -17.78 1.37
N CYS B 151 -18.08 -17.08 0.26
CA CYS B 151 -19.39 -17.01 -0.40
C CYS B 151 -19.35 -17.63 -1.80
N VAL B 152 -20.35 -18.47 -2.07
CA VAL B 152 -20.51 -19.13 -3.34
C VAL B 152 -22.01 -19.11 -3.68
N ASN B 153 -22.37 -18.50 -4.81
CA ASN B 153 -23.71 -18.68 -5.39
C ASN B 153 -24.81 -18.23 -4.41
N GLY B 154 -24.58 -17.12 -3.70
CA GLY B 154 -25.61 -16.51 -2.84
C GLY B 154 -25.67 -17.04 -1.42
N SER B 155 -24.84 -18.02 -1.08
CA SER B 155 -24.75 -18.52 0.28
C SER B 155 -23.34 -18.29 0.77
N CYS B 156 -23.20 -18.07 2.07
CA CYS B 156 -21.90 -17.91 2.72
C CYS B 156 -21.73 -18.97 3.79
N PHE B 157 -20.48 -19.30 4.00
CA PHE B 157 -20.10 -20.48 4.76
C PHE B 157 -18.99 -20.11 5.79
N THR B 158 -19.14 -20.68 6.98
CA THR B 158 -18.17 -20.48 8.05
C THR B 158 -18.09 -21.74 8.91
N ILE B 159 -17.10 -21.76 9.79
CA ILE B 159 -16.90 -22.85 10.75
C ILE B 159 -16.92 -22.24 12.15
N MET B 160 -17.60 -22.90 13.08
CA MET B 160 -17.61 -22.53 14.47
C MET B 160 -17.21 -23.73 15.33
N THR B 161 -16.56 -23.44 16.45
CA THR B 161 -16.11 -24.46 17.37
C THR B 161 -16.64 -24.15 18.75
N ASP B 162 -16.90 -25.18 19.54
CA ASP B 162 -17.31 -25.02 20.94
C ASP B 162 -16.73 -26.22 21.70
N GLY B 163 -16.10 -25.97 22.82
CA GLY B 163 -15.47 -27.03 23.59
C GLY B 163 -14.02 -26.71 23.91
N PRO B 164 -13.33 -27.67 24.53
CA PRO B 164 -11.96 -27.46 25.00
C PRO B 164 -10.97 -26.98 23.94
N SER B 165 -9.98 -26.21 24.40
CA SER B 165 -8.84 -25.80 23.57
C SER B 165 -7.70 -26.81 23.62
N ASN B 166 -7.78 -27.79 24.52
CA ASN B 166 -6.70 -28.72 24.79
C ASN B 166 -7.17 -30.17 24.81
N GLY B 167 -8.21 -30.44 24.05
CA GLY B 167 -8.78 -31.76 23.92
C GLY B 167 -9.86 -31.74 22.86
N GLN B 168 -10.56 -32.85 22.70
CA GLN B 168 -11.60 -32.98 21.70
C GLN B 168 -12.65 -31.91 21.94
N ALA B 169 -13.03 -31.21 20.85
CA ALA B 169 -14.10 -30.23 20.90
C ALA B 169 -15.11 -30.59 19.80
N SER B 170 -16.04 -29.68 19.51
CA SER B 170 -17.13 -29.86 18.54
C SER B 170 -16.99 -28.78 17.48
N TYR B 171 -17.14 -29.19 16.22
CA TYR B 171 -16.90 -28.30 15.05
C TYR B 171 -18.10 -28.38 14.11
N LYS B 172 -18.64 -27.23 13.72
CA LYS B 172 -19.79 -27.20 12.82
C LYS B 172 -19.53 -26.29 11.63
N ILE B 173 -19.99 -26.74 10.48
CA ILE B 173 -20.06 -25.93 9.26
C ILE B 173 -21.45 -25.30 9.23
N LEU B 174 -21.49 -23.99 8.94
CA LEU B 174 -22.75 -23.25 8.80
C LEU B 174 -22.90 -22.74 7.39
N LYS B 175 -24.10 -22.87 6.83
CA LYS B 175 -24.50 -22.25 5.58
C LYS B 175 -25.49 -21.14 5.88
N ILE B 176 -25.23 -19.95 5.35
CA ILE B 176 -25.94 -18.74 5.71
C ILE B 176 -26.37 -18.04 4.44
N GLU B 177 -27.66 -17.68 4.35
CA GLU B 177 -28.22 -17.00 3.18
C GLU B 177 -28.92 -15.73 3.65
N LYS B 178 -28.44 -14.58 3.16
CA LYS B 178 -28.92 -13.25 3.60
C LYS B 178 -28.95 -13.17 5.13
N GLY B 179 -27.91 -13.69 5.74
CA GLY B 179 -27.75 -13.60 7.18
C GLY B 179 -28.51 -14.59 8.05
N LYS B 180 -29.22 -15.53 7.43
CA LYS B 180 -29.97 -16.56 8.15
C LYS B 180 -29.27 -17.90 7.97
N VAL B 181 -29.08 -18.65 9.06
CA VAL B 181 -28.54 -20.00 8.94
C VAL B 181 -29.62 -20.89 8.29
N THR B 182 -29.27 -21.48 7.16
CA THR B 182 -30.21 -22.35 6.42
C THR B 182 -29.84 -23.83 6.48
N LYS B 183 -28.59 -24.12 6.89
CA LYS B 183 -28.15 -25.50 7.07
C LYS B 183 -26.93 -25.52 7.95
N SER B 184 -26.77 -26.60 8.70
CA SER B 184 -25.53 -26.81 9.43
C SER B 184 -25.25 -28.28 9.55
N ILE B 185 -23.98 -28.61 9.78
CA ILE B 185 -23.61 -30.01 10.02
C ILE B 185 -22.41 -30.04 10.96
N GLU B 186 -22.39 -30.98 11.90
CA GLU B 186 -21.27 -31.21 12.79
C GLU B 186 -20.26 -32.15 12.15
N LEU B 187 -19.00 -31.77 12.17
CA LEU B 187 -17.96 -32.63 11.64
C LEU B 187 -17.80 -33.87 12.52
N ASN B 188 -17.75 -35.04 11.89
CA ASN B 188 -17.45 -36.30 12.57
C ASN B 188 -15.93 -36.43 12.57
N ALA B 189 -15.28 -35.83 13.57
CA ALA B 189 -13.83 -35.62 13.53
C ALA B 189 -13.19 -35.95 14.87
N PRO B 190 -13.39 -37.20 15.35
CA PRO B 190 -12.68 -37.60 16.55
C PRO B 190 -11.17 -37.57 16.26
N ASN B 191 -10.42 -37.10 17.22
CA ASN B 191 -8.97 -36.99 17.10
C ASN B 191 -8.50 -35.83 16.22
N TYR B 192 -9.43 -35.02 15.71
CA TYR B 192 -9.10 -33.76 15.03
C TYR B 192 -9.40 -32.61 15.96
N HIS B 193 -8.79 -31.45 15.68
CA HIS B 193 -9.13 -30.20 16.36
C HIS B 193 -9.08 -29.08 15.35
N TYR B 194 -10.19 -28.33 15.28
CA TYR B 194 -10.38 -27.21 14.38
C TYR B 194 -10.68 -25.92 15.11
N GLU B 195 -9.86 -24.89 14.86
CA GLU B 195 -10.10 -23.52 15.31
C GLU B 195 -9.67 -22.54 14.24
N GLU B 196 -10.29 -21.36 14.25
CA GLU B 196 -9.79 -20.21 13.50
C GLU B 196 -9.53 -20.53 12.02
N CYS B 197 -10.54 -21.12 11.38
CA CYS B 197 -10.35 -21.56 10.02
C CYS B 197 -10.20 -20.39 9.06
N SER B 198 -9.30 -20.58 8.09
CA SER B 198 -9.15 -19.69 6.95
C SER B 198 -9.79 -20.37 5.74
N CYS B 199 -10.91 -19.86 5.27
CA CYS B 199 -11.76 -20.53 4.30
C CYS B 199 -11.89 -19.69 3.04
N TYR B 200 -11.74 -20.34 1.88
CA TYR B 200 -11.89 -19.64 0.60
C TYR B 200 -12.75 -20.44 -0.37
N PRO B 201 -13.41 -19.76 -1.31
CA PRO B 201 -14.15 -20.42 -2.37
C PRO B 201 -13.23 -20.84 -3.53
N ASP B 202 -13.54 -21.96 -4.15
CA ASP B 202 -12.76 -22.48 -5.26
C ASP B 202 -13.64 -23.46 -6.03
N THR B 203 -13.97 -23.12 -7.26
CA THR B 203 -14.68 -24.02 -8.17
C THR B 203 -16.00 -24.50 -7.55
N GLY B 204 -16.75 -23.58 -6.96
CA GLY B 204 -18.10 -23.87 -6.47
C GLY B 204 -18.16 -24.57 -5.13
N LYS B 205 -16.99 -24.79 -4.52
CA LYS B 205 -16.86 -25.44 -3.23
C LYS B 205 -16.04 -24.52 -2.32
N VAL B 206 -15.83 -24.92 -1.07
CA VAL B 206 -15.04 -24.14 -0.11
C VAL B 206 -13.96 -25.03 0.46
N MET B 207 -12.76 -24.46 0.66
CA MET B 207 -11.68 -25.10 1.36
C MET B 207 -11.30 -24.28 2.59
N CYS B 208 -11.17 -24.94 3.74
CA CYS B 208 -10.75 -24.28 5.01
C CYS B 208 -9.52 -24.95 5.54
N VAL B 209 -8.54 -24.14 5.91
CA VAL B 209 -7.32 -24.58 6.58
C VAL B 209 -7.27 -23.93 7.96
N CYS B 210 -7.07 -24.74 9.00
CA CYS B 210 -7.38 -24.30 10.35
C CYS B 210 -6.21 -24.53 11.34
N ARG B 211 -6.50 -24.39 12.65
CA ARG B 211 -5.54 -24.52 13.73
C ARG B 211 -5.96 -25.67 14.62
N ASP B 212 -5.08 -26.64 14.83
CA ASP B 212 -5.26 -27.73 15.82
C ASP B 212 -4.50 -27.29 17.07
N ASN B 213 -5.23 -26.90 18.11
CA ASN B 213 -4.65 -26.43 19.35
C ASN B 213 -4.37 -27.54 20.37
N TRP B 214 -4.83 -28.74 20.02
CA TRP B 214 -4.81 -29.90 20.93
C TRP B 214 -3.54 -30.73 20.76
N HIS B 215 -3.31 -31.22 19.55
CA HIS B 215 -2.25 -32.22 19.35
C HIS B 215 -1.79 -32.37 17.90
N GLY B 216 -1.77 -31.27 17.16
CA GLY B 216 -1.25 -31.26 15.80
C GLY B 216 -0.40 -30.04 15.51
N SER B 217 0.81 -30.25 14.97
CA SER B 217 1.70 -29.16 14.54
C SER B 217 1.67 -28.92 13.02
N ASN B 218 0.96 -29.79 12.31
CA ASN B 218 0.48 -29.53 10.97
C ASN B 218 -0.96 -29.02 11.07
N ARG B 219 -1.49 -28.50 9.98
CA ARG B 219 -2.81 -27.88 10.01
C ARG B 219 -3.89 -28.83 9.49
N PRO B 220 -5.03 -28.88 10.19
CA PRO B 220 -6.19 -29.60 9.69
C PRO B 220 -6.88 -28.81 8.61
N TRP B 221 -7.61 -29.51 7.74
CA TRP B 221 -8.40 -28.87 6.70
C TRP B 221 -9.76 -29.54 6.60
N VAL B 222 -10.72 -28.78 6.08
CA VAL B 222 -12.05 -29.28 5.80
C VAL B 222 -12.52 -28.60 4.52
N SER B 223 -13.03 -29.39 3.58
CA SER B 223 -13.60 -28.88 2.33
C SER B 223 -15.04 -29.36 2.20
N PHE B 224 -15.85 -28.59 1.49
CA PHE B 224 -17.26 -28.97 1.38
C PHE B 224 -17.92 -28.31 0.20
N ASP B 225 -19.00 -28.94 -0.27
CA ASP B 225 -19.83 -28.38 -1.30
C ASP B 225 -20.98 -27.56 -0.70
N GLN B 226 -21.83 -27.02 -1.57
CA GLN B 226 -22.89 -26.12 -1.14
C GLN B 226 -23.95 -26.81 -0.28
N ASN B 227 -24.02 -28.14 -0.38
CA ASN B 227 -24.91 -28.98 0.42
C ASN B 227 -24.28 -29.40 1.77
N LEU B 228 -23.03 -28.98 2.02
CA LEU B 228 -22.26 -29.29 3.22
C LEU B 228 -21.81 -30.76 3.30
N ASP B 229 -21.80 -31.44 2.16
CA ASP B 229 -21.07 -32.70 2.03
C ASP B 229 -19.58 -32.37 2.16
N TYR B 230 -18.88 -32.97 3.14
CA TYR B 230 -17.52 -32.52 3.48
C TYR B 230 -16.50 -33.65 3.40
N GLN B 231 -15.23 -33.22 3.36
CA GLN B 231 -14.09 -34.09 3.52
C GLN B 231 -13.17 -33.42 4.52
N ILE B 232 -12.43 -34.23 5.27
CA ILE B 232 -11.49 -33.73 6.25
C ILE B 232 -10.14 -34.44 6.15
N GLY B 233 -9.12 -33.78 6.64
CA GLY B 233 -7.76 -34.33 6.66
C GLY B 233 -6.82 -33.34 7.31
N TYR B 234 -5.51 -33.67 7.30
CA TYR B 234 -4.45 -32.72 7.68
C TYR B 234 -3.49 -32.55 6.50
N ILE B 235 -2.87 -31.39 6.42
CA ILE B 235 -1.88 -31.13 5.37
C ILE B 235 -0.71 -32.08 5.60
N CYS B 236 -0.33 -32.82 4.54
CA CYS B 236 0.62 -33.92 4.70
C CYS B 236 2.06 -33.49 4.73
N SER B 237 2.36 -32.31 4.20
CA SER B 237 3.76 -31.88 4.06
C SER B 237 4.51 -31.96 5.39
N GLY B 238 5.77 -32.36 5.29
CA GLY B 238 6.70 -32.24 6.40
C GLY B 238 7.22 -30.84 6.63
N VAL B 239 6.81 -29.90 5.79
CA VAL B 239 7.00 -28.46 6.02
C VAL B 239 5.86 -28.03 6.95
N PHE B 240 6.08 -28.20 8.26
CA PHE B 240 4.98 -28.05 9.24
C PHE B 240 4.51 -26.60 9.31
N GLY B 241 3.19 -26.41 9.39
CA GLY B 241 2.63 -25.08 9.27
C GLY B 241 2.27 -24.35 10.53
N ASP B 242 2.14 -25.04 11.65
CA ASP B 242 1.64 -24.38 12.87
C ASP B 242 2.81 -23.72 13.63
N ASN B 243 2.50 -23.01 14.70
CA ASN B 243 3.48 -22.48 15.64
C ASN B 243 2.86 -22.68 17.02
N PRO B 244 3.52 -23.44 17.90
CA PRO B 244 4.83 -24.06 17.74
C PRO B 244 4.80 -25.31 16.83
N ARG B 245 5.98 -25.83 16.53
CA ARG B 245 6.09 -26.98 15.66
C ARG B 245 7.50 -27.56 15.83
N PRO B 246 7.69 -28.81 15.45
CA PRO B 246 9.05 -29.33 15.36
C PRO B 246 9.76 -28.81 14.11
N ASN B 247 11.06 -29.06 14.02
CA ASN B 247 11.79 -28.85 12.76
C ASN B 247 11.16 -29.70 11.64
N ASP B 248 11.32 -29.24 10.41
CA ASP B 248 10.74 -29.94 9.29
C ASP B 248 11.27 -31.38 9.24
N GLY B 249 10.40 -32.29 8.81
CA GLY B 249 10.72 -33.72 8.83
C GLY B 249 9.67 -34.49 8.06
N THR B 250 9.35 -35.69 8.53
CA THR B 250 8.33 -36.49 7.89
C THR B 250 6.97 -36.08 8.40
N GLY B 251 6.09 -35.73 7.47
CA GLY B 251 4.75 -35.26 7.81
C GLY B 251 3.78 -36.41 8.02
N SER B 252 2.52 -36.06 8.18
CA SER B 252 1.43 -37.03 8.33
C SER B 252 0.17 -36.46 7.72
N CYS B 253 -0.69 -37.34 7.22
CA CYS B 253 -2.03 -36.91 6.79
C CYS B 253 -3.05 -36.88 7.93
N GLY B 254 -2.60 -37.26 9.12
CA GLY B 254 -3.32 -37.00 10.37
C GLY B 254 -2.51 -36.04 11.22
N PRO B 255 -2.97 -35.80 12.46
CA PRO B 255 -2.28 -34.80 13.28
C PRO B 255 -0.88 -35.26 13.69
N VAL B 256 0.09 -34.38 13.52
CA VAL B 256 1.49 -34.61 13.94
C VAL B 256 1.56 -34.22 15.41
N SER B 257 1.73 -35.20 16.29
CA SER B 257 1.67 -34.96 17.73
C SER B 257 2.82 -34.17 18.29
N SER B 258 4.00 -34.27 17.68
CA SER B 258 5.17 -33.55 18.20
C SER B 258 4.90 -32.05 18.27
N ASN B 259 5.01 -31.47 19.48
CA ASN B 259 4.76 -30.03 19.68
C ASN B 259 3.40 -29.57 19.15
N GLY B 260 2.44 -30.47 19.22
CA GLY B 260 1.12 -30.25 18.65
C GLY B 260 0.22 -29.35 19.46
N ALA B 261 0.41 -29.32 20.78
CA ALA B 261 -0.41 -28.46 21.62
C ALA B 261 -0.10 -27.00 21.32
N ASN B 262 -1.09 -26.15 21.60
CA ASN B 262 -1.01 -24.73 21.28
CA ASN B 262 -1.05 -24.72 21.27
C ASN B 262 -1.01 -24.54 19.75
N GLY B 263 -0.84 -23.31 19.28
CA GLY B 263 -0.97 -23.05 17.88
C GLY B 263 -1.09 -21.57 17.58
N ILE B 264 -1.36 -21.30 16.29
CA ILE B 264 -1.57 -19.94 15.80
C ILE B 264 -2.52 -20.04 14.62
N LYS B 265 -3.38 -19.03 14.45
CA LYS B 265 -4.21 -19.00 13.25
C LYS B 265 -3.30 -18.84 12.04
N GLY B 266 -3.61 -19.60 11.00
CA GLY B 266 -2.92 -19.51 9.73
C GLY B 266 -3.77 -19.97 8.56
N PHE B 267 -3.13 -20.18 7.42
CA PHE B 267 -3.84 -20.49 6.18
C PHE B 267 -2.89 -21.27 5.27
N SER B 268 -3.49 -21.84 4.24
CA SER B 268 -2.77 -22.42 3.11
C SER B 268 -3.68 -22.47 1.89
N PHE B 269 -3.08 -22.48 0.71
CA PHE B 269 -3.85 -22.60 -0.55
C PHE B 269 -3.47 -23.87 -1.27
N ARG B 270 -4.45 -24.71 -1.53
CA ARG B 270 -4.20 -25.94 -2.29
C ARG B 270 -4.22 -25.68 -3.81
N TYR B 271 -3.17 -26.17 -4.48
CA TYR B 271 -3.14 -26.20 -5.95
C TYR B 271 -2.83 -27.63 -6.36
N ASP B 272 -3.82 -28.35 -6.86
CA ASP B 272 -3.63 -29.74 -7.25
C ASP B 272 -3.21 -30.53 -5.99
N ASN B 273 -2.10 -31.28 -6.05
CA ASN B 273 -1.59 -31.96 -4.86
C ASN B 273 -0.55 -31.13 -4.15
N GLY B 274 -0.33 -29.89 -4.62
CA GLY B 274 0.62 -28.97 -3.99
C GLY B 274 -0.04 -27.98 -3.07
N VAL B 275 0.79 -27.20 -2.36
CA VAL B 275 0.27 -26.27 -1.38
C VAL B 275 1.19 -25.08 -1.23
N TRP B 276 0.59 -23.87 -1.13
CA TRP B 276 1.27 -22.69 -0.64
C TRP B 276 0.95 -22.57 0.85
N ILE B 277 2.02 -22.65 1.64
CA ILE B 277 1.98 -22.59 3.08
C ILE B 277 2.51 -21.25 3.56
N GLY B 278 1.72 -20.50 4.33
CA GLY B 278 2.23 -19.35 5.05
C GLY B 278 2.53 -19.77 6.48
N ARG B 279 3.72 -19.46 6.97
CA ARG B 279 4.08 -19.80 8.35
C ARG B 279 5.03 -18.83 9.00
N THR B 280 5.08 -18.85 10.32
CA THR B 280 6.11 -18.14 11.04
C THR B 280 7.47 -18.68 10.64
N LYS B 281 8.54 -17.90 10.82
CA LYS B 281 9.89 -18.43 10.57
C LYS B 281 10.41 -19.20 11.77
N SER B 282 10.06 -18.76 12.98
CA SER B 282 10.44 -19.47 14.18
C SER B 282 9.55 -20.68 14.44
N THR B 283 10.16 -21.75 14.96
CA THR B 283 9.42 -22.92 15.39
C THR B 283 8.81 -22.77 16.79
N SER B 284 9.28 -21.78 17.55
CA SER B 284 8.86 -21.66 18.96
C SER B 284 8.13 -20.37 19.33
N SER B 285 8.35 -19.30 18.58
CA SER B 285 7.69 -18.03 18.87
C SER B 285 7.01 -17.47 17.64
N ARG B 286 6.13 -16.51 17.89
CA ARG B 286 5.36 -15.87 16.82
C ARG B 286 6.21 -14.79 16.14
N SER B 287 7.24 -15.24 15.44
CA SER B 287 8.30 -14.42 14.89
C SER B 287 8.53 -14.78 13.44
N GLY B 288 8.64 -13.74 12.62
CA GLY B 288 8.89 -13.93 11.21
C GLY B 288 7.69 -14.44 10.43
N PHE B 289 7.79 -14.39 9.11
CA PHE B 289 6.78 -14.96 8.25
C PHE B 289 7.36 -15.27 6.87
N GLU B 290 6.90 -16.36 6.29
CA GLU B 290 7.37 -16.76 4.98
C GLU B 290 6.28 -17.51 4.24
N MET B 291 6.31 -17.47 2.92
CA MET B 291 5.47 -18.30 2.08
C MET B 291 6.31 -19.40 1.42
N ILE B 292 5.83 -20.63 1.50
CA ILE B 292 6.55 -21.78 0.93
C ILE B 292 5.63 -22.48 -0.06
N TRP B 293 6.14 -22.72 -1.26
CA TRP B 293 5.46 -23.53 -2.27
C TRP B 293 6.04 -24.95 -2.24
N ASP B 294 5.20 -25.91 -1.87
CA ASP B 294 5.56 -27.32 -1.86
C ASP B 294 4.68 -28.04 -2.89
N PRO B 295 5.27 -28.41 -4.03
CA PRO B 295 4.46 -28.87 -5.16
C PRO B 295 3.73 -30.22 -4.95
N ASN B 296 4.08 -30.97 -3.90
CA ASN B 296 3.32 -32.16 -3.55
C ASN B 296 2.87 -32.19 -2.08
N GLY B 297 2.88 -31.04 -1.42
CA GLY B 297 2.73 -31.00 0.04
C GLY B 297 1.31 -31.17 0.56
N TRP B 298 0.30 -31.10 -0.31
CA TRP B 298 -1.07 -31.37 0.13
C TRP B 298 -1.22 -32.84 0.53
N THR B 299 -0.64 -33.75 -0.27
CA THR B 299 -0.86 -35.19 -0.14
C THR B 299 0.36 -36.04 0.20
N GLU B 300 1.57 -35.50 0.08
CA GLU B 300 2.80 -36.26 0.33
C GLU B 300 3.56 -35.73 1.55
N THR B 301 4.25 -36.62 2.24
CA THR B 301 4.76 -36.34 3.58
C THR B 301 6.24 -35.97 3.66
N ASP B 302 6.91 -35.82 2.53
CA ASP B 302 8.32 -35.38 2.58
C ASP B 302 8.43 -33.92 3.01
N SER B 303 9.64 -33.51 3.40
CA SER B 303 9.92 -32.13 3.82
C SER B 303 10.56 -31.28 2.72
N SER B 304 10.58 -31.79 1.48
CA SER B 304 11.10 -31.04 0.37
C SER B 304 10.07 -30.04 -0.14
N PHE B 305 10.56 -28.88 -0.55
CA PHE B 305 9.72 -27.84 -1.15
C PHE B 305 10.55 -27.09 -2.19
N SER B 306 9.88 -26.29 -3.02
CA SER B 306 10.49 -25.65 -4.20
C SER B 306 10.80 -24.17 -4.10
N VAL B 307 9.96 -23.40 -3.41
CA VAL B 307 10.10 -21.93 -3.34
C VAL B 307 9.86 -21.45 -1.91
N ARG B 308 10.68 -20.52 -1.45
CA ARG B 308 10.46 -19.82 -0.18
C ARG B 308 10.53 -18.33 -0.47
N GLN B 309 9.52 -17.58 -0.02
CA GLN B 309 9.49 -16.13 -0.20
C GLN B 309 9.37 -15.48 1.19
N ASP B 310 10.36 -14.68 1.54
CA ASP B 310 10.39 -14.01 2.83
C ASP B 310 9.37 -12.87 2.87
N ILE B 311 8.70 -12.73 4.03
CA ILE B 311 7.69 -11.70 4.27
C ILE B 311 8.00 -10.84 5.49
N VAL B 312 8.37 -11.45 6.62
CA VAL B 312 8.83 -10.78 7.83
C VAL B 312 10.06 -11.54 8.34
N ALA B 313 11.12 -10.82 8.68
CA ALA B 313 12.33 -11.48 9.16
C ALA B 313 12.09 -12.14 10.52
N ILE B 314 12.88 -13.17 10.82
CA ILE B 314 12.71 -13.91 12.08
C ILE B 314 13.01 -13.05 13.33
N THR B 315 13.74 -11.96 13.15
CA THR B 315 14.04 -11.03 14.21
C THR B 315 12.89 -10.07 14.55
N ASP B 316 11.76 -10.19 13.84
CA ASP B 316 10.63 -9.30 14.07
C ASP B 316 9.35 -10.13 14.34
N TRP B 317 8.45 -9.56 15.13
CA TRP B 317 7.24 -10.23 15.54
C TRP B 317 6.24 -10.36 14.40
N SER B 318 5.58 -11.50 14.31
CA SER B 318 4.45 -11.66 13.42
C SER B 318 3.21 -11.95 14.26
N GLY B 319 2.41 -12.93 13.86
CA GLY B 319 1.11 -13.14 14.51
C GLY B 319 0.19 -13.94 13.62
N TYR B 320 -1.12 -13.78 13.81
CA TYR B 320 -2.09 -14.46 12.99
C TYR B 320 -1.89 -14.17 11.49
N SER B 321 -2.35 -15.09 10.65
CA SER B 321 -2.45 -14.83 9.24
C SER B 321 -3.68 -15.51 8.72
N GLY B 322 -4.17 -15.03 7.59
CA GLY B 322 -5.35 -15.59 7.00
C GLY B 322 -5.48 -15.32 5.53
N SER B 323 -6.29 -16.15 4.86
CA SER B 323 -6.58 -16.00 3.45
C SER B 323 -7.67 -14.93 3.25
N PHE B 324 -7.60 -14.24 2.13
CA PHE B 324 -8.79 -13.61 1.56
C PHE B 324 -8.73 -13.78 0.06
N VAL B 325 -9.87 -13.68 -0.61
CA VAL B 325 -9.89 -13.77 -2.07
C VAL B 325 -10.40 -12.46 -2.70
N GLN B 326 -10.03 -12.24 -3.95
CA GLN B 326 -10.70 -11.24 -4.77
C GLN B 326 -11.39 -11.98 -5.90
N HIS B 327 -12.71 -11.86 -5.96
CA HIS B 327 -13.52 -12.58 -6.95
C HIS B 327 -13.42 -11.89 -8.30
N PRO B 328 -13.70 -12.63 -9.39
CA PRO B 328 -13.79 -12.05 -10.72
C PRO B 328 -14.68 -10.82 -10.83
N GLU B 329 -15.76 -10.78 -10.09
CA GLU B 329 -16.68 -9.63 -10.11
C GLU B 329 -15.97 -8.33 -9.69
N LEU B 330 -14.96 -8.43 -8.82
CA LEU B 330 -14.15 -7.30 -8.38
C LEU B 330 -13.00 -7.00 -9.33
N THR B 331 -12.27 -8.04 -9.73
CA THR B 331 -11.01 -7.85 -10.47
C THR B 331 -11.14 -7.81 -12.00
N GLY B 332 -12.21 -8.41 -12.53
CA GLY B 332 -12.36 -8.58 -13.97
C GLY B 332 -11.58 -9.74 -14.55
N LEU B 333 -10.91 -10.52 -13.70
CA LEU B 333 -10.16 -11.69 -14.15
C LEU B 333 -11.11 -12.87 -14.36
N ASP B 334 -10.60 -13.96 -14.91
CA ASP B 334 -11.44 -15.16 -15.11
C ASP B 334 -11.14 -16.24 -14.08
N CYS B 335 -10.43 -15.88 -13.03
CA CYS B 335 -10.03 -16.81 -11.99
C CYS B 335 -10.15 -16.13 -10.64
N MET B 336 -10.12 -16.93 -9.58
CA MET B 336 -10.23 -16.47 -8.21
C MET B 336 -8.84 -16.10 -7.70
N ARG B 337 -8.63 -14.84 -7.34
CA ARG B 337 -7.31 -14.40 -6.89
C ARG B 337 -7.07 -14.66 -5.41
N PRO B 338 -6.02 -15.45 -5.08
CA PRO B 338 -5.68 -15.67 -3.67
C PRO B 338 -4.82 -14.55 -3.10
N CYS B 339 -5.12 -14.14 -1.87
CA CYS B 339 -4.38 -13.11 -1.14
C CYS B 339 -4.27 -13.57 0.31
N PHE B 340 -3.44 -12.89 1.09
CA PHE B 340 -3.35 -13.16 2.51
C PHE B 340 -2.94 -11.92 3.27
N TRP B 341 -3.28 -11.89 4.55
CA TRP B 341 -2.85 -10.85 5.47
C TRP B 341 -2.05 -11.49 6.63
N VAL B 342 -1.21 -10.67 7.27
CA VAL B 342 -0.48 -11.03 8.46
C VAL B 342 -0.69 -9.94 9.50
N GLU B 343 -1.04 -10.38 10.71
CA GLU B 343 -1.09 -9.56 11.91
C GLU B 343 0.28 -9.50 12.57
N LEU B 344 0.75 -8.30 12.90
CA LEU B 344 2.07 -8.10 13.51
C LEU B 344 1.80 -7.65 14.95
N ILE B 345 1.88 -8.59 15.88
CA ILE B 345 1.53 -8.37 17.29
C ILE B 345 2.64 -7.70 18.06
N ARG B 346 2.31 -6.60 18.76
CA ARG B 346 3.23 -5.92 19.66
C ARG B 346 2.65 -5.85 21.07
N GLY B 347 3.53 -5.75 22.05
CA GLY B 347 3.16 -5.69 23.44
C GLY B 347 3.12 -7.06 24.09
N GLN B 348 2.21 -7.22 25.02
CA GLN B 348 2.18 -8.46 25.82
C GLN B 348 1.79 -9.63 24.95
N PRO B 349 2.25 -10.83 25.30
CA PRO B 349 3.08 -11.18 26.46
C PRO B 349 4.60 -11.16 26.21
N LYS B 350 5.00 -10.89 24.98
CA LYS B 350 6.41 -10.96 24.58
C LYS B 350 7.18 -9.69 24.93
N GLU B 351 6.46 -8.57 25.02
CA GLU B 351 7.03 -7.27 25.42
C GLU B 351 6.30 -6.81 26.66
N ASN B 352 7.01 -6.17 27.58
CA ASN B 352 6.44 -5.92 28.91
CA ASN B 352 6.45 -5.91 28.90
C ASN B 352 5.80 -4.55 29.01
N THR B 353 4.89 -4.27 28.07
CA THR B 353 4.05 -3.08 28.07
C THR B 353 2.77 -3.41 28.85
N ILE B 354 1.93 -2.41 29.09
CA ILE B 354 0.66 -2.69 29.75
C ILE B 354 -0.37 -3.28 28.76
N TRP B 355 -0.06 -3.18 27.47
CA TRP B 355 -1.03 -3.42 26.38
C TRP B 355 -0.53 -4.44 25.35
N THR B 356 -1.49 -4.91 24.54
CA THR B 356 -1.23 -5.75 23.37
C THR B 356 -2.04 -5.19 22.22
N SER B 357 -1.40 -5.08 21.05
CA SER B 357 -2.15 -4.73 19.84
C SER B 357 -1.48 -5.36 18.62
N GLY B 358 -2.05 -5.13 17.44
CA GLY B 358 -1.45 -5.61 16.21
C GLY B 358 -1.57 -4.60 15.10
N SER B 359 -0.60 -4.60 14.18
CA SER B 359 -0.77 -3.90 12.89
C SER B 359 -0.90 -4.95 11.80
N SER B 360 -1.01 -4.55 10.55
CA SER B 360 -1.19 -5.53 9.49
C SER B 360 -0.47 -5.20 8.18
N ILE B 361 -0.16 -6.26 7.48
CA ILE B 361 0.31 -6.23 6.10
C ILE B 361 -0.51 -7.23 5.29
N SER B 362 -0.55 -7.07 3.97
CA SER B 362 -1.23 -8.03 3.11
C SER B 362 -0.58 -8.10 1.75
N PHE B 363 -0.83 -9.21 1.04
CA PHE B 363 -0.19 -9.56 -0.23
C PHE B 363 -1.22 -10.22 -1.11
N CYS B 364 -1.05 -10.15 -2.44
CA CYS B 364 -1.87 -10.92 -3.34
C CYS B 364 -1.01 -11.74 -4.28
N GLY B 365 -1.55 -12.90 -4.64
CA GLY B 365 -0.84 -13.82 -5.53
C GLY B 365 -0.86 -13.29 -6.94
N VAL B 366 0.33 -13.28 -7.56
CA VAL B 366 0.49 -12.85 -8.94
C VAL B 366 1.33 -13.85 -9.74
N ASN B 367 1.10 -13.88 -11.04
CA ASN B 367 1.94 -14.63 -11.97
C ASN B 367 2.87 -13.65 -12.70
N SER B 368 3.69 -12.98 -11.91
CA SER B 368 4.62 -11.98 -12.41
C SER B 368 5.70 -11.83 -11.36
N ASP B 369 6.68 -11.00 -11.61
CA ASP B 369 7.85 -10.96 -10.75
C ASP B 369 7.55 -10.39 -9.37
N THR B 370 8.16 -10.98 -8.34
CA THR B 370 8.00 -10.55 -6.96
C THR B 370 9.34 -10.62 -6.25
N VAL B 371 9.37 -10.23 -4.99
CA VAL B 371 10.59 -10.26 -4.20
C VAL B 371 10.29 -10.51 -2.73
N GLY B 372 11.19 -11.25 -2.08
CA GLY B 372 11.18 -11.42 -0.64
C GLY B 372 11.81 -10.23 0.07
N TRP B 373 11.25 -9.86 1.20
CA TRP B 373 11.85 -8.82 2.03
C TRP B 373 11.33 -9.00 3.45
N SER B 374 11.44 -7.96 4.26
CA SER B 374 10.82 -7.93 5.56
C SER B 374 10.06 -6.63 5.68
N TRP B 375 8.77 -6.71 5.98
CA TRP B 375 7.92 -5.53 6.20
C TRP B 375 7.32 -5.63 7.62
N PRO B 376 8.14 -5.41 8.64
CA PRO B 376 7.71 -5.65 10.02
C PRO B 376 6.93 -4.48 10.59
N ASP B 377 6.49 -4.63 11.83
CA ASP B 377 5.67 -3.59 12.45
C ASP B 377 6.44 -2.27 12.57
N GLY B 378 7.65 -2.32 13.10
CA GLY B 378 8.49 -1.13 13.14
C GLY B 378 8.24 -0.15 14.27
N ALA B 379 7.30 -0.43 15.16
CA ALA B 379 7.09 0.48 16.28
C ALA B 379 8.21 0.35 17.33
N GLU B 380 8.48 1.44 18.04
CA GLU B 380 9.52 1.51 19.04
C GLU B 380 8.82 1.56 20.39
N LEU B 381 8.78 0.43 21.11
CA LEU B 381 8.07 0.34 22.39
C LEU B 381 9.04 0.56 23.54
N PRO B 382 8.54 1.00 24.72
CA PRO B 382 7.14 1.32 25.03
C PRO B 382 6.76 2.70 24.52
N PHE B 383 5.48 3.03 24.62
CA PHE B 383 5.01 4.39 24.32
C PHE B 383 5.04 5.22 25.63
N SER B 384 4.34 6.35 25.67
CA SER B 384 4.32 7.21 26.89
C SER B 384 3.58 6.58 28.06
N ILE B 385 2.56 5.76 27.73
CA ILE B 385 1.75 5.03 28.69
C ILE B 385 1.77 3.55 28.30
#